data_3RHA
#
_entry.id   3RHA
#
_cell.length_a   62.644
_cell.length_b   117.905
_cell.length_c   165.858
_cell.angle_alpha   90.00
_cell.angle_beta   90.00
_cell.angle_gamma   90.00
#
_symmetry.space_group_name_H-M   'P 21 21 21'
#
loop_
_entity.id
_entity.type
_entity.pdbx_description
1 polymer 'Putrescine oxidase'
2 non-polymer 'DIHYDROFLAVINE-ADENINE DINUCLEOTIDE'
3 non-polymer GLYCEROL
4 water water
#
_entity_poly.entity_id   1
_entity_poly.type   'polypeptide(L)'
_entity_poly.pdbx_seq_one_letter_code
;MVMQNLDRDVVIVGAGPSGLTAARELKKAGLSVAVLEARDRVGGRTWTDTIDGAMLEIGGQWVSPDQTVLMELLDELGLK
MYSRYRDGESVYIGADGKRTQYTGDTFPVNETTKAEMDKLVAILDELAAEIGPTEPWAHPKARELDTISFHHWLRQNSND
EEACNNIGLFIAGGMLTKPAHAFSALQAVLMAASAGSFSHLTDEDFILDKRVIGGMQQVSLLQAAELGDDVVLNSPVRTI
KWDENGVSVVSERATVNARFVIMAVPPNLYSRVSFDPPLPRRQHQMHQHQSLGLVIKVHAVYDTPFWREEGLSGTGFSAG
ALVQEVYDNTNHGDSRGTLVGFVSDEKADAVFELSAEDRKKAILESIAGFLGDKALTPEVYYESDWGSEEWTRGAYASSY
DLGGLHRYGKDQHANVGPIYWSSSDLAAEGYQHVDGAVRMGQATAARIVEANKLASVPVAAENLYFQSHHHHHHWSHPQF
EK
;
_entity_poly.pdbx_strand_id   A,B
#
loop_
_chem_comp.id
_chem_comp.type
_chem_comp.name
_chem_comp.formula
FDA non-polymer 'DIHYDROFLAVINE-ADENINE DINUCLEOTIDE' 'C27 H35 N9 O15 P2'
GOL non-polymer GLYCEROL 'C3 H8 O3'
#
# COMPACT_ATOMS: atom_id res chain seq x y z
N MET A 3 2.59 16.90 30.83
CA MET A 3 2.23 17.38 29.51
C MET A 3 2.82 18.75 29.19
N GLN A 4 3.95 18.76 28.51
CA GLN A 4 4.51 20.01 28.03
C GLN A 4 3.56 20.69 27.06
N ASN A 5 3.53 22.02 27.09
CA ASN A 5 2.77 22.80 26.12
C ASN A 5 3.67 23.87 25.53
N LEU A 6 4.05 23.68 24.27
CA LEU A 6 5.10 24.49 23.67
C LEU A 6 4.61 25.27 22.46
N ASP A 7 5.26 26.40 22.20
CA ASP A 7 5.05 27.15 20.98
C ASP A 7 6.37 27.25 20.23
N ARG A 8 6.35 26.87 18.96
CA ARG A 8 7.56 26.85 18.14
C ARG A 8 7.21 27.31 16.74
N ASP A 9 8.22 27.61 15.93
CA ASP A 9 7.96 27.93 14.54
C ASP A 9 7.56 26.66 13.79
N VAL A 10 8.28 25.57 14.07
CA VAL A 10 8.09 24.32 13.34
C VAL A 10 8.11 23.13 14.28
N VAL A 11 7.17 22.20 14.08
CA VAL A 11 7.20 20.91 14.74
C VAL A 11 7.71 19.86 13.75
N ILE A 12 8.60 19.00 14.21
CA ILE A 12 9.08 17.90 13.39
C ILE A 12 8.64 16.58 14.00
N VAL A 13 7.86 15.79 13.26
CA VAL A 13 7.45 14.47 13.72
C VAL A 13 8.50 13.43 13.35
N GLY A 14 9.18 12.89 14.35
CA GLY A 14 10.19 11.87 14.11
C GLY A 14 11.62 12.37 14.21
N ALA A 15 12.41 11.70 15.05
CA ALA A 15 13.82 12.06 15.21
C ALA A 15 14.74 11.04 14.55
N GLY A 16 14.45 10.71 13.30
CA GLY A 16 15.39 9.99 12.47
C GLY A 16 16.35 11.00 11.86
N PRO A 17 17.28 10.52 11.02
CA PRO A 17 18.25 11.46 10.44
C PRO A 17 17.58 12.57 9.62
N SER A 18 16.44 12.27 8.98
CA SER A 18 15.79 13.31 8.19
C SER A 18 15.22 14.42 9.07
N GLY A 19 14.45 14.03 10.08
CA GLY A 19 13.82 14.99 10.97
C GLY A 19 14.84 15.82 11.75
N LEU A 20 15.91 15.17 12.21
CA LEU A 20 16.93 15.86 13.00
C LEU A 20 17.74 16.82 12.15
N THR A 21 18.01 16.45 10.90
CA THR A 21 18.74 17.33 9.98
C THR A 21 17.90 18.56 9.65
N ALA A 22 16.62 18.35 9.41
CA ALA A 22 15.69 19.44 9.13
C ALA A 22 15.66 20.40 10.32
N ALA A 23 15.58 19.83 11.52
CA ALA A 23 15.49 20.63 12.75
C ALA A 23 16.70 21.56 12.93
N ARG A 24 17.91 21.03 12.75
CA ARG A 24 19.12 21.85 12.89
C ARG A 24 19.15 22.95 11.84
N GLU A 25 18.81 22.60 10.61
CA GLU A 25 18.81 23.56 9.52
C GLU A 25 17.78 24.68 9.77
N LEU A 26 16.65 24.32 10.36
CA LEU A 26 15.65 25.32 10.71
C LEU A 26 16.18 26.30 11.78
N LYS A 27 16.74 25.77 12.86
CA LYS A 27 17.34 26.63 13.91
C LYS A 27 18.43 27.53 13.35
N LYS A 28 19.25 26.98 12.46
CA LYS A 28 20.30 27.74 11.78
C LYS A 28 19.73 28.92 11.00
N ALA A 29 18.51 28.78 10.49
CA ALA A 29 17.88 29.84 9.72
C ALA A 29 17.05 30.77 10.62
N GLY A 30 17.10 30.54 11.92
CA GLY A 30 16.45 31.42 12.87
C GLY A 30 15.07 30.99 13.32
N LEU A 31 14.68 29.77 12.97
CA LEU A 31 13.36 29.28 13.35
C LEU A 31 13.46 28.31 14.52
N SER A 32 12.56 28.44 15.48
CA SER A 32 12.54 27.54 16.63
C SER A 32 11.83 26.23 16.27
N VAL A 33 12.22 25.15 16.92
CA VAL A 33 11.72 23.83 16.55
C VAL A 33 11.43 23.00 17.79
N ALA A 34 10.60 21.98 17.60
CA ALA A 34 10.45 20.90 18.57
C ALA A 34 10.39 19.61 17.78
N VAL A 35 11.14 18.61 18.22
CA VAL A 35 11.14 17.32 17.57
C VAL A 35 10.45 16.32 18.48
N LEU A 36 9.38 15.72 17.99
CA LEU A 36 8.60 14.78 18.79
C LEU A 36 8.81 13.36 18.26
N GLU A 37 9.39 12.50 19.11
CA GLU A 37 9.79 11.16 18.71
C GLU A 37 9.04 10.09 19.50
N ALA A 38 8.53 9.08 18.80
CA ALA A 38 7.78 8.00 19.41
C ALA A 38 8.62 7.11 20.32
N ARG A 39 9.84 6.80 19.87
CA ARG A 39 10.68 5.83 20.55
C ARG A 39 11.44 6.46 21.73
N ASP A 40 12.10 5.60 22.50
CA ASP A 40 12.91 6.04 23.62
C ASP A 40 14.32 6.46 23.19
N ARG A 41 14.50 6.65 21.89
CA ARG A 41 15.81 6.98 21.32
C ARG A 41 15.63 7.72 20.00
N VAL A 42 16.67 8.41 19.55
CA VAL A 42 16.67 8.99 18.21
C VAL A 42 17.34 8.02 17.23
N GLY A 43 17.27 8.32 15.94
CA GLY A 43 17.98 7.53 14.95
C GLY A 43 17.10 6.77 13.97
N GLY A 44 15.88 6.42 14.39
CA GLY A 44 14.94 5.74 13.52
C GLY A 44 15.49 4.45 12.96
N ARG A 45 15.58 4.35 11.64
CA ARG A 45 16.13 3.16 10.97
C ARG A 45 17.66 3.06 11.08
N THR A 46 18.27 3.97 11.81
CA THR A 46 19.67 3.77 12.23
C THR A 46 19.68 3.57 13.74
N TRP A 47 20.50 2.62 14.17
CA TRP A 47 20.51 2.22 15.57
C TRP A 47 21.75 1.38 15.84
N THR A 48 22.61 1.87 16.72
CA THR A 48 23.73 1.08 17.20
C THR A 48 23.37 0.52 18.57
N ASP A 49 23.49 -0.79 18.73
CA ASP A 49 23.25 -1.37 20.03
C ASP A 49 24.30 -2.43 20.35
N THR A 50 24.41 -2.77 21.63
CA THR A 50 25.34 -3.81 22.05
C THR A 50 24.56 -5.06 22.45
N ILE A 51 24.80 -6.15 21.72
CA ILE A 51 24.08 -7.39 21.93
C ILE A 51 25.04 -8.45 22.46
N ASP A 52 24.88 -8.81 23.72
CA ASP A 52 25.73 -9.81 24.35
C ASP A 52 27.22 -9.50 24.10
N GLY A 53 27.60 -8.26 24.37
CA GLY A 53 29.00 -7.87 24.29
C GLY A 53 29.53 -7.58 22.90
N ALA A 54 28.63 -7.53 21.92
CA ALA A 54 29.03 -7.20 20.56
C ALA A 54 28.29 -5.96 20.08
N MET A 55 29.05 -4.95 19.63
CA MET A 55 28.45 -3.76 19.06
C MET A 55 27.97 -4.07 17.65
N LEU A 56 26.69 -3.80 17.40
CA LEU A 56 26.12 -4.07 16.09
C LEU A 56 25.39 -2.84 15.56
N GLU A 57 25.40 -2.68 14.24
CA GLU A 57 24.60 -1.65 13.61
C GLU A 57 23.32 -2.30 13.11
N ILE A 58 22.26 -2.10 13.88
CA ILE A 58 21.02 -2.81 13.64
C ILE A 58 20.31 -2.33 12.39
N GLY A 59 20.57 -1.07 12.00
CA GLY A 59 19.98 -0.49 10.80
C GLY A 59 21.00 0.01 9.79
N GLY A 60 20.73 1.18 9.22
CA GLY A 60 21.58 1.74 8.19
C GLY A 60 23.00 1.94 8.66
N GLN A 61 23.98 1.70 7.77
CA GLN A 61 25.39 1.76 8.15
C GLN A 61 26.37 2.15 7.03
N TRP A 62 26.04 1.84 5.78
CA TRP A 62 26.97 2.04 4.67
C TRP A 62 26.99 3.46 4.11
N VAL A 63 28.17 3.92 3.73
CA VAL A 63 28.32 5.16 2.98
C VAL A 63 28.98 4.87 1.63
N SER A 64 28.37 5.33 0.54
CA SER A 64 28.93 5.16 -0.78
C SER A 64 29.50 6.48 -1.29
N PRO A 65 30.39 6.44 -2.29
CA PRO A 65 31.08 7.64 -2.77
C PRO A 65 30.19 8.72 -3.40
N ASP A 66 28.99 8.38 -3.86
CA ASP A 66 28.07 9.38 -4.40
C ASP A 66 27.47 10.26 -3.30
N GLN A 67 27.53 9.78 -2.07
CA GLN A 67 26.79 10.39 -0.97
C GLN A 67 27.55 11.57 -0.35
N THR A 68 27.81 12.57 -1.16
CA THR A 68 28.62 13.72 -0.75
C THR A 68 27.92 14.57 0.30
N VAL A 69 26.59 14.59 0.30
CA VAL A 69 25.87 15.38 1.29
C VAL A 69 26.04 14.79 2.68
N LEU A 70 25.90 13.47 2.79
CA LEU A 70 26.12 12.82 4.08
C LEU A 70 27.56 13.00 4.52
N MET A 71 28.48 12.90 3.56
CA MET A 71 29.91 13.03 3.87
C MET A 71 30.25 14.41 4.42
N GLU A 72 29.63 15.45 3.87
CA GLU A 72 29.82 16.79 4.39
C GLU A 72 29.32 16.90 5.81
N LEU A 73 28.19 16.27 6.09
CA LEU A 73 27.60 16.28 7.43
C LEU A 73 28.50 15.55 8.41
N LEU A 74 29.01 14.39 8.01
CA LEU A 74 29.96 13.64 8.84
C LEU A 74 31.14 14.54 9.20
N ASP A 75 31.67 15.25 8.22
CA ASP A 75 32.83 16.11 8.46
CA ASP A 75 32.82 16.13 8.44
C ASP A 75 32.47 17.22 9.44
N GLU A 76 31.31 17.82 9.27
CA GLU A 76 30.86 18.88 10.16
CA GLU A 76 30.84 18.88 10.16
C GLU A 76 30.65 18.36 11.58
N LEU A 77 30.18 17.11 11.70
CA LEU A 77 29.93 16.54 13.02
C LEU A 77 31.20 15.98 13.66
N GLY A 78 32.29 15.96 12.89
CA GLY A 78 33.55 15.43 13.39
C GLY A 78 33.64 13.93 13.35
N LEU A 79 32.77 13.29 12.57
CA LEU A 79 32.75 11.85 12.43
C LEU A 79 33.70 11.36 11.35
N LYS A 80 34.30 10.19 11.56
CA LYS A 80 35.26 9.63 10.59
C LYS A 80 34.75 8.31 10.02
N MET A 81 35.21 7.99 8.81
CA MET A 81 34.79 6.75 8.15
C MET A 81 35.93 5.73 8.08
N TYR A 82 35.58 4.47 7.85
CA TYR A 82 36.55 3.44 7.55
C TYR A 82 35.98 2.52 6.49
N SER A 83 36.86 1.76 5.83
CA SER A 83 36.44 0.93 4.71
C SER A 83 36.17 -0.51 5.11
N ARG A 84 35.12 -1.09 4.54
CA ARG A 84 34.85 -2.50 4.72
C ARG A 84 36.04 -3.32 4.18
N TYR A 85 36.41 -4.36 4.92
CA TYR A 85 37.47 -5.27 4.50
C TYR A 85 37.11 -5.96 3.19
N ARG A 86 38.02 -5.95 2.22
CA ARG A 86 37.73 -6.53 0.91
C ARG A 86 38.91 -7.28 0.28
N ASP A 87 39.96 -7.53 1.06
CA ASP A 87 41.11 -8.28 0.57
C ASP A 87 40.73 -9.72 0.30
N GLY A 88 41.29 -10.29 -0.75
CA GLY A 88 41.13 -11.72 -0.99
C GLY A 88 40.01 -12.04 -1.94
N GLU A 89 39.56 -13.30 -1.89
CA GLU A 89 38.60 -13.81 -2.87
C GLU A 89 37.17 -13.73 -2.36
N SER A 90 36.26 -13.44 -3.29
CA SER A 90 34.84 -13.47 -3.00
C SER A 90 34.27 -14.81 -3.42
N VAL A 91 33.07 -15.11 -2.97
CA VAL A 91 32.45 -16.39 -3.30
C VAL A 91 31.18 -16.16 -4.12
N TYR A 92 31.04 -16.91 -5.19
CA TYR A 92 29.83 -16.86 -6.01
C TYR A 92 29.24 -18.25 -6.17
N ILE A 93 27.92 -18.35 -6.01
CA ILE A 93 27.23 -19.61 -6.25
C ILE A 93 26.16 -19.38 -7.31
N GLY A 94 26.43 -19.87 -8.52
CA GLY A 94 25.60 -19.58 -9.67
C GLY A 94 24.47 -20.56 -9.90
N ALA A 95 23.88 -20.48 -11.08
CA ALA A 95 22.74 -21.32 -11.44
C ALA A 95 23.10 -22.80 -11.42
N ASP A 96 24.35 -23.12 -11.71
CA ASP A 96 24.78 -24.52 -11.74
C ASP A 96 25.07 -25.06 -10.34
N GLY A 97 24.78 -24.23 -9.32
CA GLY A 97 24.94 -24.64 -7.94
C GLY A 97 26.38 -24.78 -7.47
N LYS A 98 27.33 -24.42 -8.33
CA LYS A 98 28.75 -24.57 -8.00
C LYS A 98 29.31 -23.37 -7.23
N ARG A 99 29.95 -23.64 -6.11
CA ARG A 99 30.61 -22.62 -5.31
C ARG A 99 31.97 -22.33 -5.90
N THR A 100 32.20 -21.10 -6.37
CA THR A 100 33.51 -20.77 -6.90
C THR A 100 34.05 -19.44 -6.37
N GLN A 101 35.29 -19.46 -5.92
CA GLN A 101 35.95 -18.27 -5.40
C GLN A 101 36.51 -17.47 -6.57
N TYR A 102 36.57 -16.15 -6.42
CA TYR A 102 36.99 -15.31 -7.53
C TYR A 102 37.43 -13.94 -7.04
N THR A 103 38.08 -13.20 -7.93
CA THR A 103 38.44 -11.81 -7.68
C THR A 103 37.99 -11.00 -8.89
N GLY A 104 38.06 -9.68 -8.79
CA GLY A 104 37.70 -8.84 -9.91
C GLY A 104 36.26 -8.37 -9.88
N ASP A 105 35.85 -7.63 -10.91
CA ASP A 105 34.53 -7.01 -10.94
C ASP A 105 33.52 -7.85 -11.72
N THR A 106 33.85 -9.11 -11.97
CA THR A 106 32.97 -9.96 -12.75
C THR A 106 32.71 -11.33 -12.11
N PHE A 107 31.44 -11.70 -11.99
CA PHE A 107 31.08 -13.02 -11.47
C PHE A 107 31.70 -14.11 -12.33
N PRO A 108 32.07 -15.24 -11.71
CA PRO A 108 32.61 -16.40 -12.44
C PRO A 108 31.49 -17.15 -13.13
N VAL A 109 30.90 -16.54 -14.16
CA VAL A 109 29.83 -17.17 -14.92
C VAL A 109 30.31 -17.48 -16.32
N ASN A 110 29.55 -18.28 -17.05
CA ASN A 110 29.87 -18.57 -18.44
C ASN A 110 29.90 -17.28 -19.26
N GLU A 111 30.52 -17.33 -20.42
CA GLU A 111 30.72 -16.12 -21.23
C GLU A 111 29.43 -15.53 -21.78
N THR A 112 28.43 -16.36 -22.03
CA THR A 112 27.15 -15.84 -22.52
C THR A 112 26.46 -15.04 -21.42
N THR A 113 26.36 -15.64 -20.24
CA THR A 113 25.74 -15.00 -19.10
C THR A 113 26.46 -13.70 -18.71
N LYS A 114 27.78 -13.72 -18.79
CA LYS A 114 28.58 -12.54 -18.52
C LYS A 114 28.26 -11.41 -19.49
N ALA A 115 28.12 -11.76 -20.77
CA ALA A 115 27.79 -10.77 -21.78
C ALA A 115 26.35 -10.26 -21.65
N GLU A 116 25.44 -11.14 -21.26
CA GLU A 116 24.04 -10.75 -21.09
C GLU A 116 23.88 -9.78 -19.92
N MET A 117 24.60 -10.05 -18.83
CA MET A 117 24.62 -9.13 -17.70
C MET A 117 25.15 -7.75 -18.10
N ASP A 118 26.26 -7.72 -18.83
CA ASP A 118 26.82 -6.46 -19.32
C ASP A 118 25.81 -5.72 -20.19
N LYS A 119 25.14 -6.45 -21.07
CA LYS A 119 24.11 -5.86 -21.92
C LYS A 119 23.00 -5.22 -21.09
N LEU A 120 22.46 -5.95 -20.11
CA LEU A 120 21.38 -5.46 -19.28
C LEU A 120 21.82 -4.22 -18.49
N VAL A 121 23.00 -4.29 -17.90
CA VAL A 121 23.53 -3.17 -17.12
C VAL A 121 23.74 -1.92 -17.99
N ALA A 122 24.18 -2.10 -19.21
CA ALA A 122 24.38 -0.96 -20.11
C ALA A 122 23.05 -0.29 -20.46
N ILE A 123 22.02 -1.11 -20.71
CA ILE A 123 20.69 -0.58 -20.99
C ILE A 123 20.15 0.18 -19.78
N LEU A 124 20.32 -0.39 -18.59
CA LEU A 124 19.85 0.24 -17.37
C LEU A 124 20.61 1.53 -17.06
N ASP A 125 21.93 1.52 -17.29
CA ASP A 125 22.74 2.72 -17.12
C ASP A 125 22.24 3.83 -18.03
N GLU A 126 21.89 3.49 -19.27
CA GLU A 126 21.40 4.49 -20.20
C GLU A 126 20.05 5.05 -19.74
N LEU A 127 19.16 4.16 -19.30
CA LEU A 127 17.86 4.60 -18.84
C LEU A 127 18.02 5.52 -17.64
N ALA A 128 18.87 5.13 -16.70
CA ALA A 128 19.10 5.93 -15.50
C ALA A 128 19.61 7.32 -15.86
N ALA A 129 20.53 7.38 -16.81
CA ALA A 129 21.09 8.66 -17.25
C ALA A 129 20.02 9.51 -17.94
N GLU A 130 19.23 8.89 -18.82
CA GLU A 130 18.14 9.58 -19.50
C GLU A 130 17.10 10.12 -18.52
N ILE A 131 16.70 9.28 -17.58
CA ILE A 131 15.52 9.57 -16.75
C ILE A 131 15.84 10.33 -15.46
N GLY A 132 16.96 10.02 -14.82
CA GLY A 132 17.36 10.74 -13.63
C GLY A 132 16.54 10.36 -12.40
N PRO A 133 17.01 10.75 -11.21
CA PRO A 133 16.38 10.34 -9.95
C PRO A 133 15.38 11.35 -9.40
N THR A 134 15.25 12.50 -10.05
CA THR A 134 14.49 13.61 -9.48
C THR A 134 13.01 13.55 -9.80
N GLU A 135 12.69 13.39 -11.08
CA GLU A 135 11.30 13.28 -11.53
C GLU A 135 11.15 12.16 -12.56
N PRO A 136 11.44 10.93 -12.15
CA PRO A 136 11.38 9.81 -13.12
C PRO A 136 9.98 9.69 -13.70
N TRP A 137 8.99 10.07 -12.90
CA TRP A 137 7.59 9.97 -13.30
C TRP A 137 7.25 10.90 -14.46
N ALA A 138 8.07 11.93 -14.65
CA ALA A 138 7.78 12.95 -15.67
C ALA A 138 8.36 12.60 -17.05
N HIS A 139 9.17 11.57 -17.12
CA HIS A 139 9.82 11.21 -18.39
C HIS A 139 8.81 10.56 -19.37
N PRO A 140 8.97 10.81 -20.67
CA PRO A 140 8.08 10.19 -21.66
C PRO A 140 8.05 8.66 -21.55
N LYS A 141 9.14 8.06 -21.08
CA LYS A 141 9.21 6.60 -20.93
C LYS A 141 8.59 6.09 -19.63
N ALA A 142 8.10 7.01 -18.80
CA ALA A 142 7.61 6.65 -17.47
C ALA A 142 6.49 5.61 -17.50
N ARG A 143 5.47 5.82 -18.33
CA ARG A 143 4.35 4.89 -18.34
C ARG A 143 4.71 3.51 -18.85
N GLU A 144 5.46 3.46 -19.95
CA GLU A 144 5.96 2.20 -20.47
C GLU A 144 6.73 1.43 -19.38
N LEU A 145 7.67 2.11 -18.75
CA LEU A 145 8.55 1.44 -17.78
C LEU A 145 7.88 1.15 -16.44
N ASP A 146 6.86 1.92 -16.09
CA ASP A 146 6.24 1.79 -14.76
C ASP A 146 5.02 0.85 -14.74
N THR A 147 4.63 0.34 -15.90
CA THR A 147 3.49 -0.58 -16.00
C THR A 147 3.91 -2.02 -16.32
N ILE A 148 5.22 -2.26 -16.32
CA ILE A 148 5.76 -3.60 -16.47
C ILE A 148 6.69 -3.86 -15.29
N SER A 149 6.65 -5.06 -14.73
CA SER A 149 7.51 -5.38 -13.59
C SER A 149 8.96 -5.49 -14.05
N PHE A 150 9.88 -5.28 -13.12
CA PHE A 150 11.30 -5.44 -13.41
C PHE A 150 11.57 -6.88 -13.87
N HIS A 151 10.92 -7.84 -13.21
CA HIS A 151 11.03 -9.23 -13.63
C HIS A 151 10.78 -9.40 -15.14
N HIS A 152 9.64 -8.89 -15.61
CA HIS A 152 9.27 -9.07 -17.02
C HIS A 152 10.10 -8.19 -17.95
N TRP A 153 10.47 -7.00 -17.49
CA TRP A 153 11.29 -6.12 -18.30
C TRP A 153 12.63 -6.79 -18.60
N LEU A 154 13.24 -7.39 -17.58
CA LEU A 154 14.52 -8.05 -17.76
C LEU A 154 14.39 -9.11 -18.84
N ARG A 155 13.31 -9.90 -18.75
CA ARG A 155 13.12 -11.00 -19.68
C ARG A 155 12.69 -10.57 -21.08
N GLN A 156 12.32 -9.31 -21.23
CA GLN A 156 12.07 -8.75 -22.57
C GLN A 156 13.40 -8.40 -23.21
N ASN A 157 14.45 -8.32 -22.39
CA ASN A 157 15.73 -7.82 -22.86
C ASN A 157 16.85 -8.86 -22.84
N SER A 158 16.59 -10.02 -22.24
CA SER A 158 17.55 -11.12 -22.26
C SER A 158 16.83 -12.43 -22.01
N ASN A 159 17.25 -13.48 -22.72
CA ASN A 159 16.71 -14.82 -22.53
C ASN A 159 17.54 -15.64 -21.56
N ASP A 160 18.58 -15.04 -21.01
CA ASP A 160 19.49 -15.72 -20.10
C ASP A 160 19.00 -15.61 -18.67
N GLU A 161 18.47 -16.71 -18.14
CA GLU A 161 17.88 -16.70 -16.80
C GLU A 161 18.88 -16.35 -15.69
N GLU A 162 20.11 -16.86 -15.78
CA GLU A 162 21.10 -16.57 -14.75
C GLU A 162 21.42 -15.08 -14.72
N ALA A 163 21.56 -14.49 -15.90
CA ALA A 163 21.85 -13.06 -16.00
C ALA A 163 20.70 -12.24 -15.44
N CYS A 164 19.48 -12.60 -15.83
CA CYS A 164 18.30 -11.90 -15.36
C CYS A 164 18.19 -11.97 -13.83
N ASN A 165 18.38 -13.15 -13.27
CA ASN A 165 18.31 -13.33 -11.83
C ASN A 165 19.40 -12.57 -11.07
N ASN A 166 20.62 -12.55 -11.61
CA ASN A 166 21.70 -11.78 -10.99
C ASN A 166 21.41 -10.29 -11.00
N ILE A 167 21.03 -9.78 -12.16
CA ILE A 167 20.71 -8.36 -12.28
C ILE A 167 19.51 -8.00 -11.39
N GLY A 168 18.54 -8.89 -11.29
CA GLY A 168 17.40 -8.67 -10.41
C GLY A 168 17.82 -8.58 -8.97
N LEU A 169 18.83 -9.38 -8.61
CA LEU A 169 19.30 -9.47 -7.24
C LEU A 169 19.80 -8.14 -6.71
N PHE A 170 20.49 -7.37 -7.55
CA PHE A 170 21.03 -6.09 -7.13
C PHE A 170 19.95 -5.07 -6.74
N ILE A 171 18.76 -5.20 -7.32
CA ILE A 171 17.67 -4.27 -7.03
C ILE A 171 16.62 -4.86 -6.09
N ALA A 172 16.15 -6.06 -6.41
CA ALA A 172 15.08 -6.69 -5.64
C ALA A 172 15.53 -7.00 -4.22
N GLY A 173 16.41 -7.98 -4.07
CA GLY A 173 16.93 -8.33 -2.77
C GLY A 173 17.91 -7.29 -2.26
N GLY A 174 18.61 -6.64 -3.18
CA GLY A 174 19.69 -5.75 -2.81
C GLY A 174 19.27 -4.38 -2.32
N MET A 175 18.16 -3.85 -2.84
CA MET A 175 17.79 -2.47 -2.55
C MET A 175 16.34 -2.29 -2.09
N LEU A 176 15.39 -2.63 -2.96
CA LEU A 176 13.98 -2.39 -2.66
C LEU A 176 13.37 -3.46 -1.74
N THR A 177 14.11 -4.55 -1.57
CA THR A 177 13.70 -5.68 -0.73
C THR A 177 12.26 -6.13 -0.96
N LYS A 178 11.92 -6.25 -2.24
CA LYS A 178 10.64 -6.76 -2.69
C LYS A 178 10.94 -7.65 -3.90
N PRO A 179 10.05 -8.58 -4.21
CA PRO A 179 10.30 -9.44 -5.38
C PRO A 179 10.26 -8.62 -6.67
N ALA A 180 11.08 -9.01 -7.65
CA ALA A 180 11.18 -8.28 -8.91
C ALA A 180 9.87 -8.23 -9.71
N HIS A 181 8.96 -9.16 -9.44
CA HIS A 181 7.64 -9.12 -10.08
C HIS A 181 6.70 -8.11 -9.43
N ALA A 182 7.10 -7.54 -8.30
CA ALA A 182 6.22 -6.66 -7.52
C ALA A 182 6.52 -5.17 -7.66
N PHE A 183 7.60 -4.83 -8.36
CA PHE A 183 7.91 -3.44 -8.64
C PHE A 183 8.28 -3.27 -10.10
N SER A 184 8.19 -2.05 -10.62
CA SER A 184 8.35 -1.81 -12.05
C SER A 184 9.79 -1.59 -12.47
N ALA A 185 10.01 -1.62 -13.77
CA ALA A 185 11.30 -1.24 -14.35
C ALA A 185 11.63 0.22 -14.00
N LEU A 186 10.62 1.09 -14.03
CA LEU A 186 10.86 2.50 -13.70
C LEU A 186 11.37 2.63 -12.27
N GLN A 187 10.83 1.80 -11.37
CA GLN A 187 11.26 1.81 -9.98
C GLN A 187 12.72 1.37 -9.84
N ALA A 188 13.12 0.40 -10.67
CA ALA A 188 14.50 -0.03 -10.71
C ALA A 188 15.39 1.09 -11.24
N VAL A 189 14.89 1.81 -12.24
CA VAL A 189 15.65 2.91 -12.85
C VAL A 189 15.85 4.05 -11.85
N LEU A 190 14.81 4.38 -11.08
CA LEU A 190 14.93 5.36 -10.00
C LEU A 190 16.02 4.95 -9.01
N MET A 191 16.00 3.69 -8.59
CA MET A 191 17.00 3.20 -7.64
C MET A 191 18.41 3.42 -8.21
N ALA A 192 18.61 3.02 -9.45
CA ALA A 192 19.90 3.16 -10.12
C ALA A 192 20.32 4.62 -10.23
N ALA A 193 19.43 5.45 -10.78
CA ALA A 193 19.72 6.87 -10.94
C ALA A 193 20.12 7.51 -9.60
N SER A 194 19.43 7.12 -8.53
CA SER A 194 19.67 7.68 -7.21
C SER A 194 21.09 7.40 -6.69
N ALA A 195 21.73 6.38 -7.25
CA ALA A 195 23.08 6.02 -6.83
C ALA A 195 24.13 6.38 -7.88
N GLY A 196 23.69 7.01 -8.97
CA GLY A 196 24.60 7.50 -9.99
C GLY A 196 24.66 6.63 -11.22
N SER A 197 24.21 5.39 -11.10
CA SER A 197 24.15 4.46 -12.22
C SER A 197 23.73 3.09 -11.72
N PHE A 198 23.28 2.23 -12.63
CA PHE A 198 22.98 0.87 -12.24
C PHE A 198 24.29 0.13 -11.95
N SER A 199 25.31 0.41 -12.73
CA SER A 199 26.64 -0.16 -12.48
C SER A 199 27.03 -0.03 -11.01
N HIS A 200 26.83 1.15 -10.43
CA HIS A 200 27.21 1.36 -9.03
C HIS A 200 26.52 0.38 -8.09
N LEU A 201 25.27 0.04 -8.40
CA LEU A 201 24.51 -0.87 -7.57
C LEU A 201 25.04 -2.31 -7.66
N THR A 202 25.76 -2.62 -8.74
CA THR A 202 26.28 -3.97 -8.91
C THR A 202 27.61 -4.15 -8.20
N ASP A 203 28.18 -3.05 -7.74
CA ASP A 203 29.53 -3.03 -7.17
C ASP A 203 29.51 -2.84 -5.66
N GLU A 204 29.69 -3.92 -4.92
CA GLU A 204 29.67 -3.84 -3.46
C GLU A 204 30.79 -2.94 -2.93
N ASP A 205 31.87 -2.78 -3.70
CA ASP A 205 32.96 -1.90 -3.29
C ASP A 205 32.57 -0.43 -3.43
N PHE A 206 31.44 -0.19 -4.09
CA PHE A 206 30.90 1.17 -4.20
C PHE A 206 29.78 1.39 -3.18
N ILE A 207 28.68 0.64 -3.33
CA ILE A 207 27.52 0.86 -2.47
C ILE A 207 27.77 0.46 -1.02
N LEU A 208 28.55 -0.59 -0.81
CA LEU A 208 28.90 -1.02 0.54
C LEU A 208 30.36 -0.68 0.88
N ASP A 209 30.77 0.52 0.47
CA ASP A 209 32.18 0.93 0.60
C ASP A 209 32.65 1.19 2.04
N LYS A 210 32.01 2.14 2.70
CA LYS A 210 32.51 2.62 3.99
C LYS A 210 31.47 2.56 5.11
N ARG A 211 31.95 2.69 6.33
CA ARG A 211 31.08 2.80 7.50
C ARG A 211 31.57 3.93 8.38
N VAL A 212 30.74 4.37 9.31
CA VAL A 212 31.12 5.44 10.24
C VAL A 212 31.77 4.85 11.49
N ILE A 213 32.96 5.32 11.85
CA ILE A 213 33.58 4.85 13.08
C ILE A 213 32.72 5.21 14.28
N GLY A 214 32.28 4.20 15.02
CA GLY A 214 31.40 4.42 16.15
C GLY A 214 29.93 4.18 15.81
N GLY A 215 29.61 4.10 14.53
CA GLY A 215 28.24 3.79 14.11
C GLY A 215 27.50 4.93 13.44
N MET A 216 26.63 4.58 12.50
CA MET A 216 25.86 5.57 11.75
C MET A 216 24.86 6.32 12.64
N GLN A 217 24.42 5.68 13.72
CA GLN A 217 23.43 6.31 14.59
C GLN A 217 23.93 7.63 15.16
N GLN A 218 25.25 7.78 15.26
CA GLN A 218 25.85 9.01 15.78
C GLN A 218 25.39 10.25 15.02
N VAL A 219 25.09 10.06 13.74
CA VAL A 219 24.60 11.15 12.90
C VAL A 219 23.36 11.76 13.52
N SER A 220 22.49 10.91 14.06
CA SER A 220 21.29 11.37 14.73
C SER A 220 21.58 11.75 16.18
N LEU A 221 22.34 10.91 16.88
CA LEU A 221 22.63 11.15 18.29
C LEU A 221 23.28 12.52 18.53
N LEU A 222 24.24 12.88 17.69
CA LEU A 222 24.95 14.14 17.84
C LEU A 222 24.08 15.34 17.51
N GLN A 223 23.22 15.22 16.50
CA GLN A 223 22.35 16.33 16.15
C GLN A 223 21.33 16.53 17.28
N ALA A 224 20.83 15.44 17.84
CA ALA A 224 19.85 15.51 18.90
C ALA A 224 20.48 16.10 20.16
N ALA A 225 21.73 15.75 20.43
CA ALA A 225 22.40 16.26 21.61
C ALA A 225 22.51 17.77 21.50
N GLU A 226 22.79 18.24 20.30
CA GLU A 226 22.91 19.67 20.05
C GLU A 226 21.57 20.39 20.23
N LEU A 227 20.48 19.72 19.88
CA LEU A 227 19.14 20.30 19.96
C LEU A 227 18.61 20.34 21.39
N GLY A 228 19.23 19.57 22.27
CA GLY A 228 18.84 19.55 23.67
C GLY A 228 17.40 19.12 23.88
N ASP A 229 16.69 19.79 24.78
CA ASP A 229 15.33 19.37 25.07
C ASP A 229 14.29 19.97 24.12
N ASP A 230 14.76 20.46 22.97
CA ASP A 230 13.85 20.69 21.86
C ASP A 230 13.41 19.34 21.30
N VAL A 231 14.15 18.29 21.68
CA VAL A 231 13.79 16.92 21.32
C VAL A 231 13.05 16.23 22.47
N VAL A 232 11.86 15.73 22.18
CA VAL A 232 11.05 15.01 23.16
C VAL A 232 10.91 13.54 22.78
N LEU A 233 11.45 12.65 23.60
CA LEU A 233 11.36 11.22 23.36
C LEU A 233 10.13 10.59 24.02
N ASN A 234 9.86 9.34 23.68
CA ASN A 234 8.73 8.60 24.26
C ASN A 234 7.44 9.39 24.11
N SER A 235 7.24 10.00 22.95
CA SER A 235 6.13 10.91 22.74
C SER A 235 5.55 10.78 21.32
N PRO A 236 4.91 9.65 21.03
CA PRO A 236 4.29 9.45 19.71
C PRO A 236 3.32 10.57 19.39
N VAL A 237 3.39 11.10 18.18
CA VAL A 237 2.41 12.07 17.70
C VAL A 237 1.13 11.34 17.28
N ARG A 238 0.01 11.78 17.85
CA ARG A 238 -1.29 11.14 17.63
C ARG A 238 -2.19 11.96 16.71
N THR A 239 -2.12 13.28 16.82
CA THR A 239 -3.04 14.14 16.10
C THR A 239 -2.41 15.44 15.64
N ILE A 240 -2.72 15.83 14.41
CA ILE A 240 -2.30 17.13 13.91
C ILE A 240 -3.56 17.92 13.54
N LYS A 241 -3.88 18.92 14.35
CA LYS A 241 -4.93 19.87 14.01
C LYS A 241 -4.28 21.00 13.24
N TRP A 242 -4.89 21.37 12.12
CA TRP A 242 -4.27 22.37 11.27
C TRP A 242 -5.32 23.20 10.56
N ASP A 243 -4.93 24.41 10.19
CA ASP A 243 -5.67 25.16 9.19
C ASP A 243 -4.62 25.72 8.28
N GLU A 244 -5.00 26.66 7.43
CA GLU A 244 -4.09 27.16 6.41
C GLU A 244 -2.87 27.82 7.06
N ASN A 245 -2.96 28.10 8.35
CA ASN A 245 -2.02 29.03 9.00
C ASN A 245 -1.13 28.44 10.08
N GLY A 246 -1.34 27.19 10.41
CA GLY A 246 -0.53 26.58 11.45
C GLY A 246 -1.14 25.32 11.97
N VAL A 247 -0.56 24.82 13.05
CA VAL A 247 -0.90 23.51 13.56
C VAL A 247 -0.85 23.48 15.07
N SER A 248 -1.64 22.58 15.65
CA SER A 248 -1.43 22.16 17.01
C SER A 248 -1.18 20.67 16.93
N VAL A 249 0.03 20.27 17.28
CA VAL A 249 0.41 18.87 17.19
C VAL A 249 0.34 18.21 18.56
N VAL A 250 -0.48 17.18 18.67
CA VAL A 250 -0.66 16.49 19.93
C VAL A 250 0.11 15.17 19.96
N SER A 251 1.14 15.11 20.80
CA SER A 251 1.86 13.88 21.07
C SER A 251 1.61 13.49 22.52
N GLU A 252 2.05 12.30 22.91
CA GLU A 252 1.71 11.81 24.24
C GLU A 252 2.29 12.59 25.41
N ARG A 253 3.47 13.17 25.21
CA ARG A 253 4.14 13.91 26.28
C ARG A 253 4.23 15.41 26.02
N ALA A 254 3.72 15.85 24.87
CA ALA A 254 3.83 17.26 24.52
C ALA A 254 2.85 17.70 23.44
N THR A 255 2.28 18.89 23.63
CA THR A 255 1.44 19.50 22.62
C THR A 255 2.12 20.77 22.14
N VAL A 256 2.32 20.88 20.84
CA VAL A 256 3.05 22.02 20.29
C VAL A 256 2.26 22.79 19.26
N ASN A 257 2.12 24.09 19.51
CA ASN A 257 1.52 24.97 18.53
C ASN A 257 2.61 25.57 17.67
N ALA A 258 2.43 25.54 16.35
CA ALA A 258 3.46 26.00 15.44
C ALA A 258 2.87 26.48 14.13
N ARG A 259 3.71 27.03 13.27
CA ARG A 259 3.25 27.50 11.96
C ARG A 259 3.45 26.46 10.85
N PHE A 260 4.36 25.51 11.08
CA PHE A 260 4.59 24.42 10.14
C PHE A 260 4.81 23.11 10.88
N VAL A 261 4.60 22.00 10.18
CA VAL A 261 4.97 20.69 10.71
C VAL A 261 5.57 19.82 9.62
N ILE A 262 6.63 19.10 9.97
CA ILE A 262 7.23 18.14 9.05
C ILE A 262 6.92 16.72 9.52
N MET A 263 6.28 15.94 8.66
CA MET A 263 6.13 14.52 8.92
C MET A 263 7.39 13.81 8.43
N ALA A 264 8.37 13.70 9.32
CA ALA A 264 9.66 13.11 8.97
C ALA A 264 9.65 11.62 9.26
N VAL A 265 8.70 10.91 8.66
CA VAL A 265 8.50 9.49 8.87
C VAL A 265 8.29 8.76 7.53
N PRO A 266 8.56 7.43 7.49
CA PRO A 266 8.30 6.69 6.25
C PRO A 266 6.82 6.79 5.88
N PRO A 267 6.51 6.84 4.57
CA PRO A 267 5.14 7.07 4.10
C PRO A 267 4.12 6.03 4.60
N ASN A 268 4.54 4.80 4.84
CA ASN A 268 3.63 3.78 5.35
C ASN A 268 3.08 4.11 6.73
N LEU A 269 3.71 5.07 7.41
CA LEU A 269 3.31 5.45 8.77
C LEU A 269 2.58 6.79 8.82
N TYR A 270 2.35 7.42 7.67
CA TYR A 270 1.62 8.70 7.65
C TYR A 270 0.26 8.57 8.34
N SER A 271 -0.46 7.48 8.03
CA SER A 271 -1.83 7.28 8.51
CA SER A 271 -1.83 7.36 8.52
C SER A 271 -1.92 6.96 9.99
N ARG A 272 -0.78 6.82 10.65
CA ARG A 272 -0.77 6.59 12.10
C ARG A 272 -1.17 7.88 12.81
N VAL A 273 -1.07 9.00 12.11
CA VAL A 273 -1.44 10.30 12.66
C VAL A 273 -2.84 10.70 12.20
N SER A 274 -3.68 11.12 13.14
CA SER A 274 -5.00 11.64 12.82
C SER A 274 -4.88 13.09 12.38
N PHE A 275 -5.40 13.41 11.20
CA PHE A 275 -5.40 14.78 10.71
C PHE A 275 -6.77 15.43 10.86
N ASP A 276 -6.79 16.61 11.45
CA ASP A 276 -8.03 17.34 11.70
C ASP A 276 -7.89 18.76 11.17
N PRO A 277 -8.47 19.03 9.98
CA PRO A 277 -9.32 18.13 9.20
C PRO A 277 -8.51 17.07 8.43
N PRO A 278 -9.19 16.05 7.90
CA PRO A 278 -8.51 14.96 7.17
C PRO A 278 -7.63 15.47 6.02
N LEU A 279 -6.63 14.70 5.63
CA LEU A 279 -5.87 15.04 4.44
C LEU A 279 -6.80 14.97 3.22
N PRO A 280 -6.45 15.70 2.14
CA PRO A 280 -7.24 15.67 0.90
C PRO A 280 -7.30 14.26 0.31
N ARG A 281 -8.25 14.02 -0.59
CA ARG A 281 -8.40 12.69 -1.20
C ARG A 281 -7.11 12.23 -1.89
N ARG A 282 -6.37 13.17 -2.49
CA ARG A 282 -5.16 12.82 -3.21
C ARG A 282 -4.16 12.09 -2.30
N GLN A 283 -3.93 12.67 -1.10
CA GLN A 283 -3.05 12.05 -0.13
C GLN A 283 -3.64 10.76 0.44
N HIS A 284 -4.93 10.76 0.77
CA HIS A 284 -5.61 9.56 1.25
C HIS A 284 -5.31 8.37 0.34
N GLN A 285 -5.41 8.61 -0.96
CA GLN A 285 -5.17 7.59 -1.97
C GLN A 285 -3.68 7.27 -2.13
N MET A 286 -2.87 8.31 -2.35
CA MET A 286 -1.45 8.12 -2.58
C MET A 286 -0.77 7.35 -1.44
N HIS A 287 -1.14 7.68 -0.21
CA HIS A 287 -0.51 7.08 0.95
C HIS A 287 -0.74 5.56 1.07
N GLN A 288 -1.85 5.07 0.55
CA GLN A 288 -2.15 3.63 0.60
C GLN A 288 -1.33 2.81 -0.38
N HIS A 289 -0.81 3.46 -1.42
CA HIS A 289 -0.10 2.75 -2.49
C HIS A 289 1.41 2.65 -2.22
N GLN A 290 1.80 2.69 -0.96
CA GLN A 290 3.21 2.62 -0.60
C GLN A 290 3.43 1.59 0.48
N SER A 291 4.58 0.92 0.44
CA SER A 291 4.87 -0.12 1.41
C SER A 291 6.37 -0.32 1.53
N LEU A 292 6.80 -0.58 2.77
CA LEU A 292 8.17 -0.98 3.04
C LEU A 292 8.45 -2.37 2.50
N GLY A 293 9.71 -2.60 2.13
CA GLY A 293 10.13 -3.94 1.77
C GLY A 293 10.33 -4.75 3.03
N LEU A 294 10.95 -5.92 2.88
CA LEU A 294 11.28 -6.74 4.03
C LEU A 294 12.63 -7.39 3.79
N VAL A 295 13.50 -7.30 4.79
CA VAL A 295 14.81 -7.93 4.72
C VAL A 295 15.29 -8.20 6.13
N ILE A 296 15.89 -9.37 6.33
CA ILE A 296 16.52 -9.69 7.61
C ILE A 296 18.01 -9.41 7.51
N LYS A 297 18.48 -8.43 8.28
CA LYS A 297 19.90 -8.18 8.38
C LYS A 297 20.45 -9.12 9.44
N VAL A 298 21.25 -10.08 9.01
CA VAL A 298 21.78 -11.12 9.90
C VAL A 298 23.16 -10.73 10.42
N HIS A 299 23.34 -10.82 11.73
CA HIS A 299 24.63 -10.52 12.36
C HIS A 299 25.19 -11.76 13.02
N ALA A 300 26.41 -12.13 12.65
CA ALA A 300 27.09 -13.26 13.29
C ALA A 300 28.50 -12.86 13.70
N VAL A 301 28.76 -12.95 15.00
CA VAL A 301 30.04 -12.57 15.57
C VAL A 301 30.86 -13.79 15.97
N TYR A 302 32.13 -13.82 15.57
CA TYR A 302 33.03 -14.94 15.85
C TYR A 302 34.26 -14.49 16.63
N ASP A 303 35.00 -15.44 17.17
CA ASP A 303 36.19 -15.12 17.97
C ASP A 303 37.27 -14.42 17.14
N THR A 304 37.23 -14.63 15.84
CA THR A 304 38.18 -14.02 14.91
C THR A 304 37.53 -13.99 13.53
N PRO A 305 38.00 -13.09 12.65
CA PRO A 305 37.50 -13.13 11.26
C PRO A 305 38.06 -14.34 10.53
N PHE A 306 37.54 -15.53 10.85
CA PHE A 306 38.11 -16.78 10.35
C PHE A 306 38.27 -16.87 8.83
N TRP A 307 37.37 -16.24 8.09
CA TRP A 307 37.39 -16.32 6.64
C TRP A 307 38.68 -15.74 6.05
N ARG A 308 39.24 -14.74 6.73
CA ARG A 308 40.45 -14.10 6.23
C ARG A 308 41.64 -15.08 6.23
N GLU A 309 41.62 -16.04 7.17
CA GLU A 309 42.67 -17.04 7.25
C GLU A 309 42.72 -17.89 5.98
N GLU A 310 41.60 -17.97 5.26
CA GLU A 310 41.55 -18.76 4.04
C GLU A 310 41.68 -17.87 2.81
N GLY A 311 42.06 -16.61 3.02
CA GLY A 311 42.22 -15.66 1.94
C GLY A 311 40.92 -15.23 1.31
N LEU A 312 39.84 -15.25 2.09
CA LEU A 312 38.53 -14.79 1.60
C LEU A 312 38.20 -13.39 2.11
N SER A 313 37.50 -12.62 1.29
CA SER A 313 37.12 -11.26 1.68
C SER A 313 35.94 -11.28 2.64
N GLY A 314 35.20 -12.40 2.65
CA GLY A 314 33.98 -12.47 3.42
C GLY A 314 32.77 -12.13 2.57
N THR A 315 33.02 -11.65 1.37
CA THR A 315 31.96 -11.32 0.42
C THR A 315 31.44 -12.57 -0.28
N GLY A 316 30.12 -12.68 -0.38
CA GLY A 316 29.49 -13.81 -1.04
C GLY A 316 28.20 -13.40 -1.72
N PHE A 317 27.96 -13.94 -2.91
CA PHE A 317 26.74 -13.67 -3.68
C PHE A 317 26.11 -14.96 -4.20
N SER A 318 24.78 -15.05 -4.12
CA SER A 318 24.05 -16.13 -4.78
C SER A 318 22.58 -15.80 -4.92
N ALA A 319 22.11 -15.65 -6.16
CA ALA A 319 20.72 -15.36 -6.41
C ALA A 319 19.83 -16.49 -5.88
N GLY A 320 20.38 -17.70 -5.82
CA GLY A 320 19.61 -18.86 -5.44
C GLY A 320 19.64 -19.23 -3.97
N ALA A 321 20.53 -18.61 -3.21
CA ALA A 321 20.68 -18.98 -1.80
C ALA A 321 19.60 -18.35 -0.90
N LEU A 322 19.41 -18.94 0.27
CA LEU A 322 18.55 -18.35 1.28
C LEU A 322 19.11 -16.98 1.69
N VAL A 323 20.38 -16.96 2.04
CA VAL A 323 21.10 -15.71 2.28
C VAL A 323 21.77 -15.31 0.98
N GLN A 324 21.19 -14.32 0.28
CA GLN A 324 21.68 -13.97 -1.05
C GLN A 324 22.99 -13.22 -1.03
N GLU A 325 23.28 -12.55 0.08
CA GLU A 325 24.48 -11.73 0.20
C GLU A 325 25.07 -11.86 1.58
N VAL A 326 26.40 -11.95 1.65
CA VAL A 326 27.11 -11.94 2.92
C VAL A 326 28.35 -11.08 2.73
N TYR A 327 28.75 -10.38 3.78
CA TYR A 327 29.93 -9.52 3.72
C TYR A 327 30.64 -9.48 5.06
N ASP A 328 31.93 -9.15 5.03
CA ASP A 328 32.66 -8.82 6.23
C ASP A 328 32.09 -7.54 6.82
N ASN A 329 31.63 -7.61 8.06
CA ASN A 329 31.08 -6.44 8.73
C ASN A 329 31.76 -6.23 10.08
N THR A 330 33.05 -6.52 10.12
CA THR A 330 33.85 -6.38 11.33
C THR A 330 33.99 -4.92 11.72
N ASN A 331 33.63 -4.59 12.95
CA ASN A 331 33.77 -3.22 13.45
C ASN A 331 35.21 -2.72 13.37
N HIS A 332 35.36 -1.43 13.12
CA HIS A 332 36.69 -0.83 13.06
C HIS A 332 37.45 -1.12 14.36
N GLY A 333 38.61 -1.75 14.25
CA GLY A 333 39.45 -2.03 15.40
C GLY A 333 39.13 -3.29 16.19
N ASP A 334 38.05 -3.99 15.84
CA ASP A 334 37.65 -5.18 16.58
C ASP A 334 38.64 -6.32 16.33
N SER A 335 38.93 -7.08 17.37
CA SER A 335 39.75 -8.29 17.20
C SER A 335 38.87 -9.50 16.90
N ARG A 336 37.58 -9.38 17.19
CA ARG A 336 36.65 -10.43 16.78
C ARG A 336 36.28 -10.20 15.31
N GLY A 337 35.57 -11.16 14.71
CA GLY A 337 35.11 -10.99 13.35
C GLY A 337 33.60 -11.00 13.31
N THR A 338 33.03 -10.14 12.48
CA THR A 338 31.59 -10.09 12.33
C THR A 338 31.21 -10.23 10.87
N LEU A 339 30.22 -11.09 10.61
CA LEU A 339 29.63 -11.23 9.29
C LEU A 339 28.27 -10.53 9.28
N VAL A 340 27.89 -10.04 8.11
CA VAL A 340 26.51 -9.58 7.92
C VAL A 340 25.95 -10.29 6.70
N GLY A 341 24.72 -10.78 6.81
CA GLY A 341 24.05 -11.44 5.70
C GLY A 341 22.65 -10.89 5.51
N PHE A 342 22.08 -11.11 4.34
CA PHE A 342 20.75 -10.56 4.05
C PHE A 342 19.81 -11.62 3.50
N VAL A 343 18.63 -11.72 4.10
CA VAL A 343 17.55 -12.56 3.61
C VAL A 343 16.39 -11.66 3.22
N SER A 344 16.08 -11.63 1.92
CA SER A 344 15.17 -10.63 1.40
C SER A 344 13.76 -11.11 1.02
N ASP A 345 12.81 -10.20 1.19
CA ASP A 345 11.40 -10.33 0.77
C ASP A 345 10.75 -11.70 1.01
N GLU A 346 10.38 -12.39 -0.06
CA GLU A 346 9.66 -13.66 0.08
C GLU A 346 10.49 -14.74 0.79
N LYS A 347 11.81 -14.68 0.66
CA LYS A 347 12.65 -15.62 1.38
C LYS A 347 12.65 -15.31 2.87
N ALA A 348 12.50 -14.03 3.20
CA ALA A 348 12.36 -13.62 4.58
C ALA A 348 11.03 -14.13 5.14
N ASP A 349 9.95 -13.93 4.38
CA ASP A 349 8.65 -14.47 4.75
C ASP A 349 8.81 -15.95 5.11
N ALA A 350 9.41 -16.70 4.19
CA ALA A 350 9.51 -18.15 4.33
C ALA A 350 10.22 -18.54 5.62
N VAL A 351 11.37 -17.93 5.87
CA VAL A 351 12.16 -18.31 7.04
C VAL A 351 11.50 -17.81 8.34
N PHE A 352 10.71 -16.74 8.25
CA PHE A 352 9.96 -16.31 9.43
C PHE A 352 8.86 -17.31 9.79
N GLU A 353 8.61 -18.26 8.90
CA GLU A 353 7.65 -19.33 9.13
C GLU A 353 8.20 -20.28 10.20
N LEU A 354 9.52 -20.39 10.24
CA LEU A 354 10.19 -21.32 11.16
C LEU A 354 10.31 -20.75 12.57
N SER A 355 10.60 -21.63 13.53
CA SER A 355 10.94 -21.18 14.88
C SER A 355 12.22 -20.36 14.80
N ALA A 356 12.46 -19.54 15.82
CA ALA A 356 13.71 -18.79 15.88
C ALA A 356 14.91 -19.72 15.73
N GLU A 357 14.85 -20.85 16.44
CA GLU A 357 15.94 -21.82 16.41
C GLU A 357 16.19 -22.40 15.03
N ASP A 358 15.13 -22.80 14.35
CA ASP A 358 15.25 -23.40 13.01
C ASP A 358 15.67 -22.37 11.96
N ARG A 359 15.16 -21.14 12.10
CA ARG A 359 15.57 -20.05 11.22
C ARG A 359 17.07 -19.77 11.34
N LYS A 360 17.55 -19.69 12.58
CA LYS A 360 18.97 -19.47 12.81
C LYS A 360 19.81 -20.54 12.13
N LYS A 361 19.42 -21.79 12.36
CA LYS A 361 20.11 -22.93 11.75
C LYS A 361 20.17 -22.83 10.23
N ALA A 362 19.03 -22.57 9.59
CA ALA A 362 18.96 -22.48 8.15
C ALA A 362 19.82 -21.34 7.61
N ILE A 363 19.75 -20.18 8.25
CA ILE A 363 20.51 -19.01 7.85
C ILE A 363 22.02 -19.24 7.99
N LEU A 364 22.45 -19.80 9.10
CA LEU A 364 23.86 -20.08 9.29
C LEU A 364 24.37 -21.12 8.30
N GLU A 365 23.56 -22.15 8.03
CA GLU A 365 23.95 -23.14 7.03
C GLU A 365 24.08 -22.49 5.65
N SER A 366 23.23 -21.52 5.36
CA SER A 366 23.34 -20.80 4.10
C SER A 366 24.65 -20.02 4.04
N ILE A 367 24.96 -19.32 5.14
CA ILE A 367 26.21 -18.58 5.22
C ILE A 367 27.42 -19.53 5.14
N ALA A 368 27.31 -20.69 5.76
CA ALA A 368 28.37 -21.70 5.68
C ALA A 368 28.60 -22.12 4.23
N GLY A 369 27.54 -22.11 3.44
CA GLY A 369 27.65 -22.43 2.03
C GLY A 369 28.67 -21.55 1.34
N PHE A 370 28.82 -20.32 1.80
CA PHE A 370 29.83 -19.43 1.23
C PHE A 370 31.19 -19.59 1.91
N LEU A 371 31.19 -19.52 3.24
CA LEU A 371 32.43 -19.32 3.98
C LEU A 371 32.87 -20.50 4.86
N GLY A 372 32.14 -21.60 4.77
CA GLY A 372 32.57 -22.83 5.44
C GLY A 372 31.94 -23.05 6.79
N ASP A 373 32.17 -24.23 7.35
CA ASP A 373 31.44 -24.67 8.54
C ASP A 373 31.77 -23.93 9.84
N LYS A 374 32.84 -23.16 9.86
CA LYS A 374 33.11 -22.33 11.03
C LYS A 374 31.97 -21.32 11.22
N ALA A 375 31.31 -20.97 10.13
CA ALA A 375 30.20 -20.01 10.19
C ALA A 375 29.08 -20.54 11.08
N LEU A 376 28.99 -21.86 11.22
CA LEU A 376 27.88 -22.49 11.92
C LEU A 376 27.82 -22.17 13.40
N THR A 377 28.94 -21.73 13.98
CA THR A 377 29.00 -21.57 15.42
C THR A 377 29.51 -20.21 15.89
N PRO A 378 28.72 -19.15 15.66
CA PRO A 378 29.09 -17.81 16.14
C PRO A 378 28.95 -17.71 17.66
N GLU A 379 29.66 -16.76 18.27
CA GLU A 379 29.51 -16.45 19.68
C GLU A 379 28.23 -15.65 19.89
N VAL A 380 27.93 -14.77 18.94
CA VAL A 380 26.71 -13.99 19.00
C VAL A 380 26.00 -14.05 17.66
N TYR A 381 24.71 -14.32 17.71
CA TYR A 381 23.86 -14.34 16.52
C TYR A 381 22.66 -13.45 16.77
N TYR A 382 22.38 -12.55 15.82
CA TYR A 382 21.27 -11.62 15.98
C TYR A 382 20.64 -11.23 14.65
N GLU A 383 19.32 -11.18 14.63
CA GLU A 383 18.57 -10.76 13.46
C GLU A 383 17.97 -9.38 13.70
N SER A 384 18.30 -8.42 12.84
CA SER A 384 17.57 -7.16 12.86
C SER A 384 16.12 -7.48 12.50
N ASP A 385 15.18 -7.00 13.31
CA ASP A 385 13.78 -7.35 13.13
C ASP A 385 12.90 -6.11 12.98
N TRP A 386 13.15 -5.33 11.94
CA TRP A 386 12.46 -4.06 11.75
C TRP A 386 10.96 -4.23 11.46
N GLY A 387 10.58 -5.40 10.95
CA GLY A 387 9.18 -5.69 10.69
C GLY A 387 8.32 -5.66 11.95
N SER A 388 8.90 -6.02 13.08
CA SER A 388 8.17 -6.05 14.34
C SER A 388 8.05 -4.66 14.97
N GLU A 389 8.88 -3.74 14.52
CA GLU A 389 8.89 -2.39 15.09
C GLU A 389 7.71 -1.58 14.58
N GLU A 390 6.80 -1.19 15.47
CA GLU A 390 5.61 -0.47 15.05
C GLU A 390 5.96 0.90 14.48
N TRP A 391 7.11 1.44 14.86
CA TRP A 391 7.50 2.75 14.34
C TRP A 391 8.44 2.66 13.15
N THR A 392 8.54 1.47 12.57
CA THR A 392 9.15 1.30 11.25
C THR A 392 8.26 0.38 10.40
N ARG A 393 8.28 -0.92 10.69
CA ARG A 393 7.38 -1.92 10.11
C ARG A 393 7.91 -2.62 8.86
N GLY A 394 9.22 -2.55 8.65
CA GLY A 394 9.84 -3.16 7.49
C GLY A 394 11.24 -2.62 7.26
N ALA A 395 11.89 -3.05 6.19
CA ALA A 395 13.24 -2.61 5.88
C ALA A 395 13.57 -2.98 4.44
N TYR A 396 14.38 -2.17 3.75
CA TYR A 396 15.01 -0.97 4.30
C TYR A 396 14.07 0.23 4.24
N ALA A 397 13.25 0.28 3.21
CA ALA A 397 12.57 1.52 2.92
C ALA A 397 11.32 1.32 2.07
N SER A 398 10.56 2.40 1.91
CA SER A 398 9.26 2.34 1.26
C SER A 398 9.35 2.61 -0.24
N SER A 399 8.50 1.92 -1.00
CA SER A 399 8.36 2.16 -2.43
C SER A 399 6.91 1.96 -2.84
N TYR A 400 6.51 2.51 -3.98
CA TYR A 400 5.12 2.38 -4.43
C TYR A 400 4.83 0.93 -4.84
N ASP A 401 3.55 0.57 -4.84
CA ASP A 401 3.15 -0.67 -5.49
C ASP A 401 3.40 -0.54 -6.99
N LEU A 402 3.31 -1.64 -7.71
CA LEU A 402 3.61 -1.60 -9.14
C LEU A 402 2.60 -0.71 -9.86
N GLY A 403 3.11 0.34 -10.50
CA GLY A 403 2.27 1.30 -11.20
C GLY A 403 2.08 2.60 -10.43
N GLY A 404 2.43 2.60 -9.15
CA GLY A 404 2.22 3.75 -8.29
C GLY A 404 3.18 4.91 -8.47
N LEU A 405 4.41 4.62 -8.88
CA LEU A 405 5.43 5.66 -9.04
C LEU A 405 5.07 6.72 -10.08
N HIS A 406 4.65 6.28 -11.27
CA HIS A 406 4.34 7.26 -12.31
C HIS A 406 2.97 7.87 -12.07
N ARG A 407 2.14 7.19 -11.29
CA ARG A 407 0.80 7.68 -11.01
C ARG A 407 0.81 8.77 -9.92
N TYR A 408 1.61 8.56 -8.87
CA TYR A 408 1.57 9.44 -7.70
C TYR A 408 2.85 10.28 -7.49
N GLY A 409 3.96 9.89 -8.11
CA GLY A 409 5.23 10.53 -7.86
C GLY A 409 5.21 12.05 -7.89
N LYS A 410 4.50 12.62 -8.86
CA LYS A 410 4.45 14.08 -9.02
C LYS A 410 3.88 14.82 -7.81
N ASP A 411 3.24 14.10 -6.89
CA ASP A 411 2.66 14.73 -5.71
C ASP A 411 3.30 14.30 -4.39
N GLN A 412 4.35 13.50 -4.46
CA GLN A 412 4.92 12.95 -3.23
C GLN A 412 5.57 14.02 -2.36
N HIS A 413 5.92 15.16 -2.95
CA HIS A 413 6.57 16.25 -2.22
C HIS A 413 5.62 17.38 -1.88
N ALA A 414 4.37 17.28 -2.32
CA ALA A 414 3.42 18.37 -2.14
C ALA A 414 3.06 18.59 -0.67
N ASN A 415 3.29 19.80 -0.18
CA ASN A 415 2.82 20.17 1.14
C ASN A 415 1.30 20.24 1.14
N VAL A 416 0.69 19.92 2.27
CA VAL A 416 -0.73 20.17 2.47
C VAL A 416 -0.83 21.33 3.47
N GLY A 417 -1.02 22.54 2.96
CA GLY A 417 -0.96 23.72 3.82
C GLY A 417 0.37 23.79 4.55
N PRO A 418 0.33 23.73 5.88
CA PRO A 418 1.53 23.84 6.71
C PRO A 418 2.23 22.49 6.90
N ILE A 419 1.67 21.42 6.34
CA ILE A 419 2.23 20.07 6.53
C ILE A 419 3.18 19.67 5.41
N TYR A 420 4.41 19.33 5.76
CA TYR A 420 5.41 18.85 4.81
C TYR A 420 5.77 17.40 5.09
N TRP A 421 6.40 16.75 4.11
CA TRP A 421 6.74 15.33 4.23
C TRP A 421 8.23 15.15 3.92
N SER A 422 8.94 14.44 4.79
CA SER A 422 10.38 14.32 4.61
C SER A 422 10.95 13.03 5.18
N SER A 423 11.49 12.20 4.29
CA SER A 423 12.18 10.98 4.70
C SER A 423 13.04 10.51 3.53
N SER A 424 13.96 9.59 3.81
CA SER A 424 14.84 9.08 2.76
C SER A 424 14.02 8.44 1.64
N ASP A 425 12.84 7.96 1.97
CA ASP A 425 11.98 7.30 1.00
C ASP A 425 11.52 8.24 -0.12
N LEU A 426 11.59 9.54 0.14
CA LEU A 426 11.15 10.54 -0.83
C LEU A 426 12.31 11.17 -1.60
N ALA A 427 13.54 10.81 -1.23
CA ALA A 427 14.72 11.46 -1.78
C ALA A 427 14.99 11.08 -3.24
N ALA A 428 15.75 11.94 -3.93
CA ALA A 428 16.25 11.62 -5.26
C ALA A 428 17.64 10.97 -5.10
N GLU A 429 18.71 11.74 -5.26
CA GLU A 429 20.02 11.23 -4.87
C GLU A 429 19.91 10.69 -3.45
N GLY A 430 20.50 9.53 -3.19
CA GLY A 430 20.50 8.96 -1.85
C GLY A 430 19.19 8.27 -1.46
N TYR A 431 18.25 8.23 -2.41
CA TYR A 431 16.98 7.51 -2.26
C TYR A 431 17.06 6.30 -1.32
N GLN A 432 16.23 6.30 -0.30
CA GLN A 432 16.08 5.17 0.61
C GLN A 432 17.23 4.99 1.60
N HIS A 433 18.26 5.83 1.49
CA HIS A 433 19.44 5.72 2.35
C HIS A 433 19.63 6.94 3.25
N VAL A 434 20.52 6.85 4.23
CA VAL A 434 20.73 7.96 5.15
C VAL A 434 21.08 9.27 4.42
N ASP A 435 21.92 9.18 3.40
CA ASP A 435 22.26 10.34 2.59
C ASP A 435 20.99 11.00 2.03
N GLY A 436 20.07 10.20 1.53
CA GLY A 436 18.78 10.70 1.08
C GLY A 436 17.98 11.34 2.21
N ALA A 437 18.02 10.71 3.38
CA ALA A 437 17.33 11.28 4.54
C ALA A 437 17.87 12.68 4.83
N VAL A 438 19.19 12.82 4.78
CA VAL A 438 19.82 14.09 5.09
C VAL A 438 19.48 15.14 4.03
N ARG A 439 19.61 14.77 2.77
CA ARG A 439 19.24 15.65 1.67
C ARG A 439 17.80 16.13 1.80
N MET A 440 16.90 15.24 2.18
CA MET A 440 15.49 15.59 2.29
C MET A 440 15.25 16.52 3.48
N GLY A 441 15.92 16.25 4.60
CA GLY A 441 15.81 17.12 5.76
C GLY A 441 16.23 18.55 5.42
N GLN A 442 17.34 18.67 4.71
CA GLN A 442 17.84 19.95 4.24
C GLN A 442 16.89 20.62 3.26
N ALA A 443 16.39 19.87 2.29
CA ALA A 443 15.53 20.44 1.27
C ALA A 443 14.20 20.89 1.87
N THR A 444 13.65 20.10 2.79
CA THR A 444 12.40 20.44 3.42
C THR A 444 12.55 21.65 4.34
N ALA A 445 13.66 21.74 5.05
CA ALA A 445 13.92 22.91 5.88
C ALA A 445 14.01 24.16 5.01
N ALA A 446 14.74 24.06 3.91
CA ALA A 446 14.86 25.17 2.96
C ALA A 446 13.49 25.64 2.46
N ARG A 447 12.61 24.70 2.09
CA ARG A 447 11.28 25.05 1.61
C ARG A 447 10.48 25.80 2.67
N ILE A 448 10.59 25.37 3.92
CA ILE A 448 9.88 26.04 5.00
C ILE A 448 10.47 27.43 5.27
N VAL A 449 11.79 27.55 5.19
CA VAL A 449 12.45 28.83 5.32
C VAL A 449 11.96 29.81 4.26
N GLU A 450 11.89 29.32 3.03
CA GLU A 450 11.38 30.12 1.92
C GLU A 450 9.90 30.49 2.09
N ALA A 451 9.10 29.54 2.56
CA ALA A 451 7.69 29.81 2.82
C ALA A 451 7.55 30.91 3.87
N ASN A 452 8.36 30.81 4.90
CA ASN A 452 8.36 31.80 5.97
C ASN A 452 8.76 33.17 5.43
N LYS A 453 9.78 33.20 4.59
CA LYS A 453 10.30 34.43 4.00
C LYS A 453 9.24 35.12 3.15
N LEU A 454 8.51 34.33 2.36
CA LEU A 454 7.45 34.86 1.51
C LEU A 454 6.32 35.50 2.33
N ALA A 455 6.07 34.97 3.50
CA ALA A 455 5.03 35.50 4.37
C ALA A 455 5.48 36.75 5.12
N SER A 456 6.79 36.90 5.31
CA SER A 456 7.30 38.01 6.11
C SER A 456 7.88 39.16 5.29
N VAL A 457 8.22 38.91 4.03
CA VAL A 457 8.70 39.95 3.15
C VAL A 457 7.56 40.40 2.24
N PRO A 458 7.27 41.71 2.22
CA PRO A 458 6.20 42.26 1.37
C PRO A 458 6.38 41.82 -0.08
N VAL A 459 5.35 41.27 -0.69
CA VAL A 459 5.45 40.90 -2.09
C VAL A 459 5.71 42.11 -2.99
N ALA A 460 6.58 41.91 -3.96
CA ALA A 460 6.95 42.93 -4.93
C ALA A 460 5.77 43.27 -5.83
N ALA A 461 5.70 44.51 -6.29
CA ALA A 461 4.60 44.97 -7.16
C ALA A 461 4.50 44.14 -8.43
N MET B 3 -17.91 10.10 29.12
CA MET B 3 -17.22 8.96 28.59
C MET B 3 -17.67 7.60 29.15
N GLN B 4 -18.47 6.86 28.42
CA GLN B 4 -18.87 5.55 28.87
C GLN B 4 -17.74 4.59 29.15
N ASN B 5 -17.99 3.66 30.07
CA ASN B 5 -17.10 2.61 30.38
C ASN B 5 -17.90 1.33 30.45
N LEU B 6 -17.76 0.48 29.45
CA LEU B 6 -18.60 -0.70 29.28
C LEU B 6 -17.83 -2.00 29.38
N ASP B 7 -18.54 -3.07 29.73
CA ASP B 7 -17.98 -4.42 29.66
C ASP B 7 -18.88 -5.26 28.79
N ARG B 8 -18.31 -5.92 27.79
CA ARG B 8 -19.09 -6.76 26.90
C ARG B 8 -18.30 -8.01 26.59
N ASP B 9 -18.95 -8.99 25.98
CA ASP B 9 -18.24 -10.17 25.50
C ASP B 9 -17.39 -9.78 24.28
N VAL B 10 -17.98 -9.03 23.35
CA VAL B 10 -17.30 -8.64 22.13
C VAL B 10 -17.44 -7.15 21.85
N VAL B 11 -16.36 -6.52 21.42
CA VAL B 11 -16.40 -5.16 20.88
C VAL B 11 -16.22 -5.23 19.38
N ILE B 12 -17.07 -4.52 18.64
CA ILE B 12 -16.97 -4.45 17.19
C ILE B 12 -16.58 -3.04 16.77
N VAL B 13 -15.47 -2.92 16.05
CA VAL B 13 -15.03 -1.65 15.53
C VAL B 13 -15.63 -1.43 14.14
N GLY B 14 -16.56 -0.48 14.02
CA GLY B 14 -17.15 -0.15 12.75
C GLY B 14 -18.58 -0.64 12.60
N ALA B 15 -19.49 0.28 12.32
CA ALA B 15 -20.90 -0.05 12.12
C ALA B 15 -21.28 -0.07 10.64
N GLY B 16 -20.46 -0.73 9.83
CA GLY B 16 -20.84 -1.00 8.45
C GLY B 16 -21.66 -2.27 8.46
N PRO B 17 -22.13 -2.72 7.28
CA PRO B 17 -22.95 -3.93 7.22
C PRO B 17 -22.26 -5.16 7.80
N SER B 18 -20.92 -5.21 7.71
CA SER B 18 -20.20 -6.37 8.21
C SER B 18 -20.18 -6.39 9.75
N GLY B 19 -19.83 -5.26 10.35
CA GLY B 19 -19.75 -5.17 11.79
C GLY B 19 -21.09 -5.32 12.49
N LEU B 20 -22.13 -4.72 11.90
CA LEU B 20 -23.47 -4.82 12.46
C LEU B 20 -24.01 -6.23 12.36
N THR B 21 -23.80 -6.86 11.21
CA THR B 21 -24.22 -8.24 11.02
C THR B 21 -23.55 -9.15 12.06
N ALA B 22 -22.25 -8.95 12.25
CA ALA B 22 -21.52 -9.69 13.26
C ALA B 22 -22.12 -9.48 14.64
N ALA B 23 -22.35 -8.22 14.98
CA ALA B 23 -22.92 -7.87 16.27
C ALA B 23 -24.23 -8.61 16.55
N ARG B 24 -25.15 -8.58 15.59
CA ARG B 24 -26.45 -9.25 15.77
C ARG B 24 -26.30 -10.77 15.91
N GLU B 25 -25.48 -11.38 15.07
CA GLU B 25 -25.23 -12.81 15.16
C GLU B 25 -24.64 -13.20 16.52
N LEU B 26 -23.81 -12.33 17.08
CA LEU B 26 -23.18 -12.59 18.36
C LEU B 26 -24.23 -12.60 19.47
N LYS B 27 -25.13 -11.63 19.46
CA LYS B 27 -26.22 -11.60 20.42
C LYS B 27 -27.14 -12.81 20.25
N LYS B 28 -27.42 -13.17 19.00
CA LYS B 28 -28.23 -14.34 18.71
C LYS B 28 -27.64 -15.58 19.38
N ALA B 29 -26.32 -15.61 19.52
CA ALA B 29 -25.64 -16.75 20.13
C ALA B 29 -25.45 -16.58 21.63
N GLY B 30 -25.89 -15.45 22.16
CA GLY B 30 -25.88 -15.24 23.59
C GLY B 30 -24.71 -14.45 24.15
N LEU B 31 -24.02 -13.70 23.30
CA LEU B 31 -22.91 -12.87 23.74
C LEU B 31 -23.28 -11.39 23.66
N SER B 32 -22.82 -10.60 24.63
CA SER B 32 -23.11 -9.17 24.64
C SER B 32 -22.11 -8.43 23.76
N VAL B 33 -22.53 -7.30 23.19
CA VAL B 33 -21.70 -6.55 22.25
C VAL B 33 -21.75 -5.04 22.47
N ALA B 34 -20.72 -4.37 21.98
CA ALA B 34 -20.74 -2.92 21.80
C ALA B 34 -20.12 -2.63 20.44
N VAL B 35 -20.81 -1.82 19.64
CA VAL B 35 -20.33 -1.43 18.33
C VAL B 35 -19.89 0.02 18.37
N LEU B 36 -18.60 0.26 18.12
CA LEU B 36 -18.06 1.62 18.18
C LEU B 36 -17.78 2.13 16.78
N GLU B 37 -18.44 3.22 16.40
CA GLU B 37 -18.41 3.70 15.03
C GLU B 37 -17.88 5.13 14.98
N ALA B 38 -16.96 5.39 14.05
CA ALA B 38 -16.34 6.71 13.94
C ALA B 38 -17.28 7.80 13.47
N ARG B 39 -18.16 7.48 12.52
CA ARG B 39 -19.02 8.46 11.88
C ARG B 39 -20.25 8.77 12.72
N ASP B 40 -21.03 9.76 12.27
CA ASP B 40 -22.28 10.16 12.91
C ASP B 40 -23.45 9.32 12.43
N ARG B 41 -23.15 8.26 11.69
CA ARG B 41 -24.16 7.37 11.13
C ARG B 41 -23.57 5.98 10.99
N VAL B 42 -24.44 4.98 10.83
CA VAL B 42 -24.01 3.63 10.47
C VAL B 42 -24.09 3.43 8.95
N GLY B 43 -23.57 2.32 8.46
CA GLY B 43 -23.69 1.98 7.05
C GLY B 43 -22.37 1.96 6.30
N GLY B 44 -21.38 2.69 6.79
CA GLY B 44 -20.08 2.73 6.16
C GLY B 44 -20.15 3.07 4.68
N ARG B 45 -19.70 2.13 3.83
CA ARG B 45 -19.70 2.34 2.38
C ARG B 45 -21.10 2.21 1.77
N THR B 46 -22.10 2.03 2.62
CA THR B 46 -23.48 2.19 2.14
C THR B 46 -24.05 3.43 2.80
N TRP B 47 -24.78 4.22 2.03
CA TRP B 47 -25.25 5.51 2.51
C TRP B 47 -26.31 6.08 1.58
N THR B 48 -27.51 6.25 2.13
CA THR B 48 -28.59 6.94 1.43
C THR B 48 -28.70 8.35 1.99
N ASP B 49 -28.73 9.35 1.11
CA ASP B 49 -28.89 10.71 1.54
C ASP B 49 -29.65 11.50 0.51
N THR B 50 -30.14 12.67 0.92
CA THR B 50 -30.91 13.53 0.03
C THR B 50 -30.06 14.73 -0.38
N ILE B 51 -29.77 14.84 -1.67
CA ILE B 51 -28.94 15.93 -2.16
C ILE B 51 -29.76 16.92 -2.97
N ASP B 52 -29.83 18.15 -2.48
CA ASP B 52 -30.60 19.19 -3.15
C ASP B 52 -31.99 18.66 -3.51
N GLY B 53 -32.59 17.90 -2.60
CA GLY B 53 -33.95 17.41 -2.76
C GLY B 53 -34.12 16.02 -3.34
N ALA B 54 -33.04 15.42 -3.83
CA ALA B 54 -33.14 14.10 -4.46
C ALA B 54 -32.48 13.01 -3.61
N MET B 55 -33.20 11.92 -3.40
CA MET B 55 -32.62 10.78 -2.69
C MET B 55 -31.64 10.06 -3.60
N LEU B 56 -30.44 9.81 -3.08
CA LEU B 56 -29.43 9.10 -3.84
C LEU B 56 -28.77 8.03 -2.99
N GLU B 57 -28.36 6.95 -3.63
CA GLU B 57 -27.55 5.95 -2.93
C GLU B 57 -26.09 6.24 -3.22
N ILE B 58 -25.43 6.83 -2.24
CA ILE B 58 -24.08 7.36 -2.42
C ILE B 58 -23.03 6.25 -2.47
N GLY B 59 -23.34 5.11 -1.83
CA GLY B 59 -22.45 3.97 -1.85
C GLY B 59 -23.05 2.71 -2.48
N GLY B 60 -22.77 1.56 -1.87
CA GLY B 60 -23.26 0.30 -2.37
C GLY B 60 -24.77 0.24 -2.49
N GLN B 61 -25.28 -0.45 -3.52
CA GLN B 61 -26.71 -0.44 -3.80
C GLN B 61 -27.25 -1.67 -4.56
N TRP B 62 -26.39 -2.36 -5.30
CA TRP B 62 -26.82 -3.45 -6.18
C TRP B 62 -26.91 -4.81 -5.50
N VAL B 63 -27.93 -5.58 -5.85
CA VAL B 63 -27.98 -6.99 -5.48
C VAL B 63 -28.00 -7.89 -6.73
N SER B 64 -27.11 -8.87 -6.76
CA SER B 64 -27.04 -9.80 -7.88
C SER B 64 -27.58 -11.16 -7.44
N PRO B 65 -27.96 -12.02 -8.39
CA PRO B 65 -28.61 -13.30 -8.08
C PRO B 65 -27.79 -14.28 -7.25
N ASP B 66 -26.46 -14.17 -7.25
CA ASP B 66 -25.62 -15.09 -6.47
C ASP B 66 -25.64 -14.75 -4.99
N GLN B 67 -26.13 -13.57 -4.65
CA GLN B 67 -26.02 -13.06 -3.29
C GLN B 67 -27.16 -13.53 -2.38
N THR B 68 -27.24 -14.84 -2.22
CA THR B 68 -28.34 -15.48 -1.47
C THR B 68 -28.27 -15.15 0.02
N VAL B 69 -27.07 -14.97 0.55
CA VAL B 69 -26.95 -14.61 1.97
C VAL B 69 -27.52 -13.22 2.24
N LEU B 70 -27.20 -12.26 1.37
CA LEU B 70 -27.76 -10.93 1.54
C LEU B 70 -29.28 -10.99 1.35
N MET B 71 -29.71 -11.76 0.35
CA MET B 71 -31.14 -11.89 0.07
C MET B 71 -31.90 -12.46 1.26
N GLU B 72 -31.32 -13.47 1.91
CA GLU B 72 -31.93 -14.04 3.12
C GLU B 72 -32.04 -13.00 4.23
N LEU B 73 -31.02 -12.16 4.37
CA LEU B 73 -31.03 -11.10 5.38
C LEU B 73 -32.07 -10.02 5.05
N LEU B 74 -32.19 -9.66 3.77
CA LEU B 74 -33.19 -8.70 3.34
C LEU B 74 -34.57 -9.21 3.74
N ASP B 75 -34.83 -10.46 3.42
CA ASP B 75 -36.10 -11.09 3.78
C ASP B 75 -36.31 -11.04 5.28
N GLU B 76 -35.29 -11.42 6.05
CA GLU B 76 -35.40 -11.40 7.50
C GLU B 76 -35.74 -10.01 8.04
N LEU B 77 -35.18 -8.99 7.39
CA LEU B 77 -35.36 -7.61 7.84
C LEU B 77 -36.63 -6.97 7.25
N GLY B 78 -37.35 -7.72 6.42
CA GLY B 78 -38.57 -7.22 5.81
C GLY B 78 -38.34 -6.21 4.70
N LEU B 79 -37.15 -6.23 4.11
CA LEU B 79 -36.83 -5.32 3.01
C LEU B 79 -37.15 -5.98 1.67
N LYS B 80 -37.56 -5.16 0.70
CA LYS B 80 -37.97 -5.65 -0.61
C LYS B 80 -37.06 -5.11 -1.70
N MET B 81 -36.91 -5.89 -2.77
CA MET B 81 -36.07 -5.49 -3.89
C MET B 81 -36.90 -5.06 -5.09
N TYR B 82 -36.26 -4.35 -6.02
CA TYR B 82 -36.85 -4.06 -7.31
C TYR B 82 -35.74 -4.12 -8.35
N SER B 83 -36.11 -4.24 -9.61
CA SER B 83 -35.12 -4.42 -10.68
C SER B 83 -34.80 -3.12 -11.40
N ARG B 84 -33.54 -2.95 -11.78
CA ARG B 84 -33.12 -1.84 -12.62
C ARG B 84 -33.84 -1.90 -13.98
N TYR B 85 -34.27 -0.74 -14.46
CA TYR B 85 -34.87 -0.64 -15.79
C TYR B 85 -33.88 -1.08 -16.87
N ARG B 86 -34.34 -1.92 -17.80
CA ARG B 86 -33.46 -2.44 -18.84
C ARG B 86 -34.16 -2.62 -20.18
N ASP B 87 -35.37 -2.07 -20.32
CA ASP B 87 -36.11 -2.15 -21.57
C ASP B 87 -35.43 -1.33 -22.67
N GLY B 88 -35.43 -1.86 -23.89
CA GLY B 88 -34.95 -1.11 -25.02
C GLY B 88 -33.48 -1.29 -25.32
N GLU B 89 -32.90 -0.32 -26.01
CA GLU B 89 -31.56 -0.48 -26.55
C GLU B 89 -30.48 0.10 -25.65
N SER B 90 -29.40 -0.65 -25.53
CA SER B 90 -28.21 -0.15 -24.88
C SER B 90 -27.30 0.55 -25.90
N VAL B 91 -26.29 1.27 -25.40
CA VAL B 91 -25.41 2.02 -26.28
C VAL B 91 -23.97 1.59 -26.09
N TYR B 92 -23.29 1.33 -27.20
CA TYR B 92 -21.89 0.89 -27.18
C TYR B 92 -21.06 1.81 -28.06
N ILE B 93 -19.95 2.31 -27.52
CA ILE B 93 -18.99 3.06 -28.32
C ILE B 93 -17.63 2.37 -28.25
N GLY B 94 -17.31 1.61 -29.29
CA GLY B 94 -16.14 0.76 -29.29
C GLY B 94 -14.87 1.39 -29.83
N ALA B 95 -13.94 0.54 -30.25
CA ALA B 95 -12.64 0.98 -30.77
C ALA B 95 -12.76 1.94 -31.94
N ASP B 96 -13.77 1.71 -32.79
CA ASP B 96 -13.92 2.52 -34.00
C ASP B 96 -14.60 3.87 -33.73
N GLY B 97 -14.97 4.12 -32.49
CA GLY B 97 -15.56 5.40 -32.11
C GLY B 97 -17.00 5.63 -32.52
N LYS B 98 -17.64 4.62 -33.10
CA LYS B 98 -19.03 4.76 -33.55
C LYS B 98 -20.01 4.45 -32.41
N ARG B 99 -21.00 5.32 -32.25
CA ARG B 99 -22.05 5.11 -31.25
C ARG B 99 -23.13 4.23 -31.84
N THR B 100 -23.25 3.01 -31.32
CA THR B 100 -24.26 2.09 -31.85
C THR B 100 -25.22 1.57 -30.77
N GLN B 101 -26.51 1.70 -31.05
CA GLN B 101 -27.56 1.16 -30.17
C GLN B 101 -27.77 -0.31 -30.47
N TYR B 102 -28.03 -1.11 -29.43
CA TYR B 102 -28.14 -2.55 -29.61
C TYR B 102 -28.97 -3.22 -28.51
N THR B 103 -29.36 -4.46 -28.75
CA THR B 103 -30.00 -5.30 -27.73
C THR B 103 -29.28 -6.63 -27.74
N GLY B 104 -29.54 -7.45 -26.72
CA GLY B 104 -28.90 -8.75 -26.61
C GLY B 104 -27.69 -8.62 -25.69
N ASP B 105 -26.97 -9.72 -25.46
CA ASP B 105 -25.81 -9.65 -24.58
C ASP B 105 -24.48 -9.89 -25.29
N THR B 106 -24.37 -9.37 -26.51
CA THR B 106 -23.10 -9.26 -27.19
C THR B 106 -22.94 -7.84 -27.68
N PHE B 107 -21.78 -7.23 -27.41
CA PHE B 107 -21.51 -5.89 -27.93
C PHE B 107 -21.55 -5.91 -29.45
N PRO B 108 -21.95 -4.79 -30.06
CA PRO B 108 -21.94 -4.65 -31.52
C PRO B 108 -20.51 -4.45 -32.05
N VAL B 109 -19.71 -5.51 -32.00
CA VAL B 109 -18.32 -5.46 -32.45
C VAL B 109 -18.11 -6.36 -33.66
N ASN B 110 -16.97 -6.20 -34.33
CA ASN B 110 -16.64 -7.08 -35.44
C ASN B 110 -16.57 -8.53 -34.95
N GLU B 111 -16.61 -9.48 -35.88
CA GLU B 111 -16.69 -10.89 -35.51
C GLU B 111 -15.43 -11.40 -34.81
N THR B 112 -14.26 -10.89 -35.21
CA THR B 112 -13.02 -11.30 -34.59
C THR B 112 -13.02 -10.89 -33.11
N THR B 113 -13.33 -9.63 -32.86
CA THR B 113 -13.39 -9.11 -31.50
C THR B 113 -14.43 -9.87 -30.67
N LYS B 114 -15.56 -10.15 -31.30
CA LYS B 114 -16.64 -10.88 -30.63
C LYS B 114 -16.15 -12.24 -30.16
N ALA B 115 -15.43 -12.94 -31.03
CA ALA B 115 -14.98 -14.29 -30.74
C ALA B 115 -13.82 -14.30 -29.74
N GLU B 116 -12.95 -13.30 -29.85
CA GLU B 116 -11.83 -13.17 -28.91
C GLU B 116 -12.35 -12.88 -27.50
N MET B 117 -13.36 -12.01 -27.39
CA MET B 117 -13.99 -11.76 -26.12
C MET B 117 -14.57 -13.04 -25.54
N ASP B 118 -15.28 -13.80 -26.37
CA ASP B 118 -15.85 -15.07 -25.93
C ASP B 118 -14.78 -16.05 -25.46
N LYS B 119 -13.68 -16.13 -26.22
CA LYS B 119 -12.57 -17.02 -25.85
C LYS B 119 -11.98 -16.65 -24.49
N LEU B 120 -11.69 -15.38 -24.29
CA LEU B 120 -11.11 -14.91 -23.02
C LEU B 120 -12.06 -15.22 -21.86
N VAL B 121 -13.34 -14.93 -22.05
CA VAL B 121 -14.32 -15.19 -21.00
C VAL B 121 -14.36 -16.68 -20.63
N ALA B 122 -14.34 -17.54 -21.63
CA ALA B 122 -14.33 -18.98 -21.39
C ALA B 122 -13.10 -19.40 -20.58
N ILE B 123 -11.94 -18.87 -20.95
CA ILE B 123 -10.72 -19.18 -20.23
C ILE B 123 -10.85 -18.74 -18.77
N LEU B 124 -11.32 -17.53 -18.57
CA LEU B 124 -11.47 -16.99 -17.22
C LEU B 124 -12.52 -17.74 -16.42
N ASP B 125 -13.64 -18.08 -17.06
CA ASP B 125 -14.66 -18.90 -16.41
C ASP B 125 -14.07 -20.20 -15.90
N GLU B 126 -13.30 -20.85 -16.77
CA GLU B 126 -12.65 -22.11 -16.42
C GLU B 126 -11.69 -21.94 -15.25
N LEU B 127 -10.88 -20.89 -15.31
CA LEU B 127 -9.96 -20.60 -14.21
C LEU B 127 -10.71 -20.35 -12.90
N ALA B 128 -11.77 -19.56 -12.98
CA ALA B 128 -12.57 -19.25 -11.79
C ALA B 128 -13.16 -20.51 -11.16
N ALA B 129 -13.63 -21.43 -12.01
CA ALA B 129 -14.23 -22.68 -11.52
C ALA B 129 -13.20 -23.56 -10.86
N GLU B 130 -12.00 -23.57 -11.43
CA GLU B 130 -10.91 -24.41 -10.95
C GLU B 130 -10.33 -23.90 -9.64
N ILE B 131 -10.18 -22.58 -9.55
CA ILE B 131 -9.44 -21.96 -8.46
C ILE B 131 -10.34 -21.57 -7.29
N GLY B 132 -11.54 -21.10 -7.58
CA GLY B 132 -12.51 -20.79 -6.54
C GLY B 132 -12.21 -19.48 -5.82
N PRO B 133 -13.17 -19.01 -5.00
CA PRO B 133 -13.08 -17.70 -4.35
C PRO B 133 -12.55 -17.78 -2.92
N THR B 134 -12.34 -18.99 -2.41
CA THR B 134 -12.07 -19.18 -0.99
C THR B 134 -10.58 -19.15 -0.65
N GLU B 135 -9.78 -19.86 -1.45
CA GLU B 135 -8.33 -19.89 -1.28
C GLU B 135 -7.62 -19.84 -2.62
N PRO B 136 -7.84 -18.77 -3.39
CA PRO B 136 -7.17 -18.64 -4.69
C PRO B 136 -5.66 -18.79 -4.52
N TRP B 137 -5.15 -18.30 -3.38
CA TRP B 137 -3.71 -18.29 -3.13
C TRP B 137 -3.14 -19.69 -2.95
N ALA B 138 -4.01 -20.65 -2.69
CA ALA B 138 -3.56 -22.00 -2.37
C ALA B 138 -3.45 -22.89 -3.61
N HIS B 139 -3.95 -22.41 -4.73
CA HIS B 139 -3.95 -23.20 -5.96
C HIS B 139 -2.57 -23.25 -6.61
N PRO B 140 -2.24 -24.40 -7.22
CA PRO B 140 -0.96 -24.58 -7.91
C PRO B 140 -0.68 -23.48 -8.94
N LYS B 141 -1.71 -22.90 -9.54
CA LYS B 141 -1.52 -21.86 -10.54
C LYS B 141 -1.40 -20.47 -9.93
N ALA B 142 -1.48 -20.38 -8.60
CA ALA B 142 -1.50 -19.09 -7.93
C ALA B 142 -0.29 -18.22 -8.27
N ARG B 143 0.91 -18.80 -8.20
CA ARG B 143 2.11 -18.00 -8.45
C ARG B 143 2.16 -17.49 -9.89
N GLU B 144 1.87 -18.38 -10.85
CA GLU B 144 1.90 -17.97 -12.24
C GLU B 144 0.92 -16.84 -12.50
N LEU B 145 -0.28 -16.95 -11.95
CA LEU B 145 -1.34 -15.98 -12.23
C LEU B 145 -1.23 -14.70 -11.39
N ASP B 146 -0.56 -14.79 -10.25
CA ASP B 146 -0.50 -13.62 -9.35
C ASP B 146 0.73 -12.75 -9.55
N THR B 147 1.63 -13.15 -10.46
CA THR B 147 2.86 -12.40 -10.69
C THR B 147 2.92 -11.76 -12.08
N ILE B 148 1.78 -11.77 -12.76
CA ILE B 148 1.66 -11.09 -14.04
C ILE B 148 0.38 -10.27 -13.98
N SER B 149 0.41 -9.05 -14.52
CA SER B 149 -0.76 -8.18 -14.46
C SER B 149 -1.88 -8.73 -15.32
N PHE B 150 -3.11 -8.34 -15.01
CA PHE B 150 -4.26 -8.74 -15.82
C PHE B 150 -4.11 -8.18 -17.23
N HIS B 151 -3.60 -6.96 -17.33
CA HIS B 151 -3.38 -6.33 -18.62
C HIS B 151 -2.52 -7.22 -19.51
N HIS B 152 -1.40 -7.67 -18.97
CA HIS B 152 -0.46 -8.48 -19.76
C HIS B 152 -0.95 -9.90 -19.99
N TRP B 153 -1.61 -10.49 -19.00
CA TRP B 153 -2.17 -11.83 -19.15
C TRP B 153 -3.18 -11.87 -20.30
N LEU B 154 -4.04 -10.87 -20.37
CA LEU B 154 -5.02 -10.78 -21.45
C LEU B 154 -4.34 -10.86 -22.82
N ARG B 155 -3.28 -10.07 -22.99
CA ARG B 155 -2.60 -9.98 -24.28
C ARG B 155 -1.72 -11.18 -24.59
N GLN B 156 -1.47 -12.01 -23.59
CA GLN B 156 -0.82 -13.30 -23.82
C GLN B 156 -1.83 -14.26 -24.43
N ASN B 157 -3.11 -14.01 -24.18
CA ASN B 157 -4.17 -14.92 -24.58
C ASN B 157 -5.01 -14.45 -25.77
N SER B 158 -4.88 -13.19 -26.14
CA SER B 158 -5.54 -12.69 -27.34
C SER B 158 -4.77 -11.54 -27.98
N ASN B 159 -4.75 -11.53 -29.31
CA ASN B 159 -4.08 -10.48 -30.07
C ASN B 159 -5.00 -9.31 -30.36
N ASP B 160 -6.27 -9.43 -29.98
CA ASP B 160 -7.23 -8.39 -30.30
C ASP B 160 -7.35 -7.34 -29.19
N GLU B 161 -6.97 -6.11 -29.50
CA GLU B 161 -6.94 -5.03 -28.52
C GLU B 161 -8.32 -4.66 -27.98
N GLU B 162 -9.29 -4.52 -28.87
CA GLU B 162 -10.63 -4.13 -28.42
C GLU B 162 -11.19 -5.17 -27.46
N ALA B 163 -10.99 -6.45 -27.81
CA ALA B 163 -11.39 -7.55 -26.94
C ALA B 163 -10.70 -7.47 -25.58
N CYS B 164 -9.38 -7.28 -25.60
CA CYS B 164 -8.61 -7.22 -24.35
C CYS B 164 -9.03 -6.04 -23.50
N ASN B 165 -9.24 -4.89 -24.14
CA ASN B 165 -9.69 -3.70 -23.43
C ASN B 165 -11.06 -3.89 -22.80
N ASN B 166 -11.99 -4.47 -23.55
CA ASN B 166 -13.33 -4.70 -23.06
C ASN B 166 -13.33 -5.65 -21.87
N ILE B 167 -12.61 -6.77 -22.01
CA ILE B 167 -12.52 -7.73 -20.92
C ILE B 167 -11.81 -7.12 -19.71
N GLY B 168 -10.75 -6.35 -19.96
CA GLY B 168 -10.06 -5.67 -18.89
C GLY B 168 -10.98 -4.76 -18.10
N LEU B 169 -11.77 -3.95 -18.82
CA LEU B 169 -12.67 -3.00 -18.20
C LEU B 169 -13.66 -3.61 -17.20
N PHE B 170 -14.24 -4.77 -17.54
CA PHE B 170 -15.16 -5.44 -16.63
C PHE B 170 -14.58 -5.63 -15.23
N ILE B 171 -13.26 -5.85 -15.15
CA ILE B 171 -12.61 -6.08 -13.86
C ILE B 171 -12.00 -4.79 -13.32
N ALA B 172 -11.23 -4.11 -14.16
CA ALA B 172 -10.47 -2.93 -13.77
C ALA B 172 -11.39 -1.76 -13.43
N GLY B 173 -12.14 -1.28 -14.42
CA GLY B 173 -13.06 -0.18 -14.18
C GLY B 173 -14.31 -0.64 -13.47
N GLY B 174 -14.71 -1.89 -13.70
CA GLY B 174 -15.99 -2.36 -13.23
C GLY B 174 -16.04 -2.88 -11.80
N MET B 175 -14.92 -3.40 -11.29
CA MET B 175 -14.91 -4.06 -9.98
C MET B 175 -13.79 -3.58 -9.05
N LEU B 176 -12.55 -3.77 -9.47
CA LEU B 176 -11.40 -3.49 -8.60
C LEU B 176 -11.04 -2.01 -8.58
N THR B 177 -11.58 -1.27 -9.55
CA THR B 177 -11.36 0.18 -9.70
C THR B 177 -9.89 0.56 -9.57
N LYS B 178 -9.07 -0.18 -10.29
CA LYS B 178 -7.64 0.07 -10.41
C LYS B 178 -7.28 -0.31 -11.85
N PRO B 179 -6.18 0.23 -12.40
CA PRO B 179 -5.76 -0.08 -13.77
C PRO B 179 -5.35 -1.54 -13.90
N ALA B 180 -5.63 -2.13 -15.06
CA ALA B 180 -5.38 -3.56 -15.29
C ALA B 180 -3.90 -3.94 -15.19
N HIS B 181 -3.01 -2.96 -15.29
CA HIS B 181 -1.58 -3.24 -15.15
C HIS B 181 -1.14 -3.28 -13.68
N ALA B 182 -2.03 -2.91 -12.77
CA ALA B 182 -1.68 -2.75 -11.35
C ALA B 182 -2.21 -3.88 -10.45
N PHE B 183 -3.04 -4.76 -11.00
CA PHE B 183 -3.46 -5.95 -10.29
C PHE B 183 -3.22 -7.18 -11.17
N SER B 184 -3.22 -8.37 -10.58
CA SER B 184 -2.80 -9.56 -11.30
C SER B 184 -3.94 -10.32 -11.92
N ALA B 185 -3.59 -11.32 -12.72
CA ALA B 185 -4.59 -12.20 -13.30
C ALA B 185 -5.31 -12.97 -12.20
N LEU B 186 -4.58 -13.39 -11.17
CA LEU B 186 -5.19 -14.12 -10.07
C LEU B 186 -6.24 -13.27 -9.36
N GLN B 187 -5.96 -11.98 -9.21
CA GLN B 187 -6.90 -11.08 -8.56
C GLN B 187 -8.17 -10.93 -9.38
N ALA B 188 -8.03 -10.98 -10.69
CA ALA B 188 -9.19 -10.96 -11.57
C ALA B 188 -9.98 -12.26 -11.44
N VAL B 189 -9.25 -13.37 -11.28
CA VAL B 189 -9.90 -14.67 -11.13
C VAL B 189 -10.69 -14.76 -9.83
N LEU B 190 -10.12 -14.23 -8.75
CA LEU B 190 -10.83 -14.17 -7.47
C LEU B 190 -12.12 -13.36 -7.62
N MET B 191 -12.04 -12.25 -8.34
CA MET B 191 -13.18 -11.38 -8.54
C MET B 191 -14.30 -12.15 -9.24
N ALA B 192 -13.94 -12.84 -10.31
CA ALA B 192 -14.86 -13.65 -11.09
C ALA B 192 -15.47 -14.77 -10.24
N ALA B 193 -14.63 -15.53 -9.57
CA ALA B 193 -15.10 -16.63 -8.73
C ALA B 193 -16.05 -16.18 -7.64
N SER B 194 -15.78 -15.01 -7.06
CA SER B 194 -16.63 -14.49 -5.99
C SER B 194 -18.05 -14.22 -6.48
N ALA B 195 -18.20 -14.04 -7.78
CA ALA B 195 -19.51 -13.73 -8.37
C ALA B 195 -20.13 -14.92 -9.11
N GLY B 196 -19.48 -16.08 -9.04
CA GLY B 196 -19.99 -17.28 -9.65
C GLY B 196 -19.35 -17.64 -10.99
N SER B 197 -18.75 -16.65 -11.63
CA SER B 197 -18.08 -16.85 -12.92
C SER B 197 -17.66 -15.50 -13.47
N PHE B 198 -16.77 -15.52 -14.45
CA PHE B 198 -16.39 -14.28 -15.11
C PHE B 198 -17.55 -13.77 -15.96
N SER B 199 -18.25 -14.68 -16.62
CA SER B 199 -19.40 -14.31 -17.43
C SER B 199 -20.37 -13.42 -16.66
N HIS B 200 -20.61 -13.75 -15.40
CA HIS B 200 -21.53 -12.97 -14.58
C HIS B 200 -21.12 -11.50 -14.52
N LEU B 201 -19.82 -11.26 -14.43
CA LEU B 201 -19.30 -9.89 -14.32
C LEU B 201 -19.41 -9.11 -15.62
N THR B 202 -19.60 -9.81 -16.73
CA THR B 202 -19.76 -9.15 -18.03
C THR B 202 -21.22 -8.75 -18.27
N ASP B 203 -22.12 -9.24 -17.42
CA ASP B 203 -23.56 -9.06 -17.65
C ASP B 203 -24.18 -8.13 -16.62
N GLU B 204 -24.44 -6.90 -17.02
CA GLU B 204 -25.00 -5.91 -16.12
C GLU B 204 -26.40 -6.28 -15.63
N ASP B 205 -27.09 -7.14 -16.38
CA ASP B 205 -28.40 -7.63 -15.96
C ASP B 205 -28.24 -8.63 -14.83
N PHE B 206 -27.02 -9.09 -14.59
CA PHE B 206 -26.75 -9.97 -13.47
C PHE B 206 -26.16 -9.22 -12.29
N ILE B 207 -25.02 -8.55 -12.49
CA ILE B 207 -24.35 -7.87 -11.39
C ILE B 207 -25.05 -6.59 -10.94
N LEU B 208 -25.68 -5.88 -11.87
CA LEU B 208 -26.42 -4.67 -11.55
C LEU B 208 -27.93 -4.92 -11.70
N ASP B 209 -28.37 -6.03 -11.12
CA ASP B 209 -29.72 -6.54 -11.35
C ASP B 209 -30.79 -5.82 -10.55
N LYS B 210 -30.69 -5.92 -9.23
CA LYS B 210 -31.71 -5.34 -8.35
C LYS B 210 -31.16 -4.33 -7.36
N ARG B 211 -32.06 -3.56 -6.77
CA ARG B 211 -31.76 -2.65 -5.68
C ARG B 211 -32.78 -2.87 -4.57
N VAL B 212 -32.56 -2.23 -3.43
CA VAL B 212 -33.45 -2.35 -2.29
C VAL B 212 -34.38 -1.15 -2.22
N ILE B 213 -35.68 -1.41 -2.17
CA ILE B 213 -36.65 -0.33 -2.01
C ILE B 213 -36.37 0.38 -0.69
N GLY B 214 -36.13 1.69 -0.77
CA GLY B 214 -35.76 2.45 0.41
C GLY B 214 -34.26 2.59 0.58
N GLY B 215 -33.50 1.82 -0.20
CA GLY B 215 -32.05 1.95 -0.20
C GLY B 215 -31.29 0.90 0.58
N MET B 216 -30.10 0.58 0.10
CA MET B 216 -29.25 -0.45 0.72
C MET B 216 -28.83 -0.12 2.15
N GLN B 217 -28.68 1.17 2.47
CA GLN B 217 -28.25 1.55 3.81
C GLN B 217 -29.19 1.01 4.90
N GLN B 218 -30.40 0.64 4.51
CA GLN B 218 -31.37 0.11 5.48
C GLN B 218 -30.87 -1.15 6.15
N VAL B 219 -30.12 -1.96 5.41
CA VAL B 219 -29.55 -3.17 5.97
C VAL B 219 -28.80 -2.85 7.26
N SER B 220 -28.03 -1.76 7.25
CA SER B 220 -27.28 -1.34 8.42
C SER B 220 -28.17 -0.61 9.43
N LEU B 221 -28.97 0.32 8.94
CA LEU B 221 -29.87 1.09 9.80
C LEU B 221 -30.79 0.21 10.64
N LEU B 222 -31.43 -0.76 10.00
CA LEU B 222 -32.37 -1.64 10.71
C LEU B 222 -31.67 -2.49 11.76
N GLN B 223 -30.53 -3.06 11.41
CA GLN B 223 -29.77 -3.86 12.37
C GLN B 223 -29.32 -3.01 13.54
N ALA B 224 -28.88 -1.79 13.25
CA ALA B 224 -28.41 -0.87 14.28
C ALA B 224 -29.55 -0.49 15.22
N ALA B 225 -30.73 -0.25 14.66
CA ALA B 225 -31.89 0.11 15.47
C ALA B 225 -32.15 -0.98 16.51
N GLU B 226 -32.10 -2.22 16.05
CA GLU B 226 -32.33 -3.37 16.90
C GLU B 226 -31.31 -3.46 18.04
N LEU B 227 -30.05 -3.15 17.72
CA LEU B 227 -28.97 -3.19 18.70
C LEU B 227 -29.08 -2.09 19.76
N GLY B 228 -29.82 -1.03 19.42
CA GLY B 228 -30.04 0.07 20.35
C GLY B 228 -28.78 0.84 20.73
N ASP B 229 -28.65 1.16 22.02
CA ASP B 229 -27.50 1.95 22.44
C ASP B 229 -26.23 1.12 22.68
N ASP B 230 -26.25 -0.14 22.24
CA ASP B 230 -25.02 -0.91 22.15
C ASP B 230 -24.19 -0.38 20.98
N VAL B 231 -24.82 0.44 20.15
CA VAL B 231 -24.12 1.14 19.07
C VAL B 231 -23.76 2.55 19.50
N VAL B 232 -22.47 2.88 19.41
CA VAL B 232 -21.97 4.19 19.82
C VAL B 232 -21.45 4.95 18.61
N LEU B 233 -22.12 6.04 18.25
CA LEU B 233 -21.74 6.84 17.10
C LEU B 233 -20.76 7.93 17.51
N ASN B 234 -20.13 8.56 16.52
CA ASN B 234 -19.18 9.65 16.76
C ASN B 234 -18.11 9.25 17.77
N SER B 235 -17.59 8.03 17.62
CA SER B 235 -16.66 7.49 18.61
C SER B 235 -15.57 6.66 17.95
N PRO B 236 -14.67 7.31 17.22
CA PRO B 236 -13.55 6.64 16.55
C PRO B 236 -12.71 5.83 17.53
N VAL B 237 -12.43 4.58 17.20
CA VAL B 237 -11.54 3.75 18.02
C VAL B 237 -10.09 4.13 17.77
N ARG B 238 -9.37 4.47 18.84
CA ARG B 238 -8.00 4.95 18.74
C ARG B 238 -6.99 3.93 19.19
N THR B 239 -7.36 3.13 20.19
CA THR B 239 -6.42 2.21 20.80
C THR B 239 -7.06 0.89 21.18
N ILE B 240 -6.35 -0.20 20.90
CA ILE B 240 -6.72 -1.52 21.40
C ILE B 240 -5.59 -2.12 22.22
N LYS B 241 -5.78 -2.17 23.54
CA LYS B 241 -4.87 -2.89 24.42
C LYS B 241 -5.35 -4.31 24.54
N TRP B 242 -4.44 -5.28 24.42
CA TRP B 242 -4.88 -6.66 24.34
C TRP B 242 -3.88 -7.65 24.92
N ASP B 243 -4.38 -8.82 25.26
CA ASP B 243 -3.53 -9.94 25.65
C ASP B 243 -4.34 -11.20 25.48
N GLU B 244 -3.85 -12.31 26.03
CA GLU B 244 -4.51 -13.60 25.86
C GLU B 244 -5.86 -13.67 26.56
N ASN B 245 -6.12 -12.72 27.45
CA ASN B 245 -7.36 -12.73 28.24
C ASN B 245 -8.46 -11.87 27.65
N GLY B 246 -8.10 -10.92 26.80
CA GLY B 246 -9.09 -10.06 26.19
C GLY B 246 -8.53 -8.72 25.76
N VAL B 247 -9.41 -7.72 25.73
CA VAL B 247 -9.04 -6.42 25.19
C VAL B 247 -9.65 -5.28 25.98
N SER B 248 -8.98 -4.14 25.91
CA SER B 248 -9.53 -2.88 26.35
C SER B 248 -9.48 -1.96 25.14
N VAL B 249 -10.66 -1.61 24.64
CA VAL B 249 -10.78 -0.82 23.42
C VAL B 249 -11.10 0.63 23.76
N VAL B 250 -10.22 1.53 23.36
CA VAL B 250 -10.41 2.94 23.67
C VAL B 250 -10.88 3.74 22.46
N SER B 251 -12.09 4.28 22.56
CA SER B 251 -12.63 5.16 21.52
C SER B 251 -13.00 6.51 22.12
N GLU B 252 -13.35 7.46 21.26
CA GLU B 252 -13.52 8.85 21.67
C GLU B 252 -14.60 9.07 22.73
N ARG B 253 -15.67 8.29 22.65
CA ARG B 253 -16.81 8.49 23.54
C ARG B 253 -17.07 7.28 24.44
N ALA B 254 -16.23 6.25 24.32
CA ALA B 254 -16.45 5.03 25.07
C ALA B 254 -15.22 4.15 25.15
N THR B 255 -14.96 3.62 26.34
CA THR B 255 -13.95 2.60 26.53
C THR B 255 -14.66 1.31 26.91
N VAL B 256 -14.27 0.22 26.26
CA VAL B 256 -14.95 -1.05 26.47
C VAL B 256 -13.97 -2.18 26.72
N ASN B 257 -14.21 -2.92 27.79
CA ASN B 257 -13.42 -4.11 28.09
C ASN B 257 -14.19 -5.32 27.60
N ALA B 258 -13.51 -6.26 26.98
CA ALA B 258 -14.18 -7.41 26.39
C ALA B 258 -13.21 -8.57 26.23
N ARG B 259 -13.72 -9.72 25.81
CA ARG B 259 -12.86 -10.87 25.57
C ARG B 259 -12.43 -10.96 24.12
N PHE B 260 -13.19 -10.31 23.23
CA PHE B 260 -12.89 -10.30 21.81
C PHE B 260 -13.11 -8.92 21.20
N VAL B 261 -12.41 -8.66 20.10
CA VAL B 261 -12.69 -7.47 19.30
C VAL B 261 -12.70 -7.83 17.81
N ILE B 262 -13.64 -7.24 17.08
CA ILE B 262 -13.67 -7.39 15.63
C ILE B 262 -13.32 -6.06 14.99
N MET B 263 -12.24 -6.05 14.21
CA MET B 263 -11.93 -4.91 13.36
C MET B 263 -12.74 -5.00 12.09
N ALA B 264 -13.95 -4.44 12.12
CA ALA B 264 -14.88 -4.54 10.99
C ALA B 264 -14.71 -3.35 10.05
N VAL B 265 -13.48 -3.16 9.57
CA VAL B 265 -13.13 -2.01 8.74
C VAL B 265 -12.29 -2.49 7.56
N PRO B 266 -12.26 -1.73 6.47
CA PRO B 266 -11.41 -2.10 5.32
C PRO B 266 -9.94 -2.12 5.75
N PRO B 267 -9.16 -3.04 5.17
CA PRO B 267 -7.77 -3.28 5.58
C PRO B 267 -6.89 -2.03 5.56
N ASN B 268 -7.13 -1.10 4.64
CA ASN B 268 -6.30 0.10 4.53
C ASN B 268 -6.39 0.96 5.78
N LEU B 269 -7.40 0.70 6.61
CA LEU B 269 -7.65 1.49 7.81
C LEU B 269 -7.26 0.77 9.10
N TYR B 270 -6.75 -0.46 9.00
CA TYR B 270 -6.34 -1.20 10.20
C TYR B 270 -5.36 -0.38 11.04
N SER B 271 -4.36 0.19 10.39
CA SER B 271 -3.27 0.86 11.10
C SER B 271 -3.66 2.23 11.67
N ARG B 272 -4.90 2.65 11.42
CA ARG B 272 -5.43 3.85 12.06
C ARG B 272 -5.56 3.62 13.57
N VAL B 273 -5.59 2.34 13.96
CA VAL B 273 -5.72 2.00 15.38
C VAL B 273 -4.37 1.65 15.97
N SER B 274 -4.08 2.22 17.13
CA SER B 274 -2.86 1.85 17.87
C SER B 274 -3.08 0.55 18.63
N PHE B 275 -2.22 -0.43 18.39
CA PHE B 275 -2.31 -1.70 19.09
C PHE B 275 -1.24 -1.79 20.17
N ASP B 276 -1.64 -2.23 21.36
CA ASP B 276 -0.73 -2.29 22.51
C ASP B 276 -0.87 -3.63 23.20
N PRO B 277 0.07 -4.57 22.94
CA PRO B 277 1.30 -4.40 22.17
C PRO B 277 1.04 -4.36 20.67
N PRO B 278 2.04 -3.99 19.87
CA PRO B 278 1.87 -3.89 18.42
C PRO B 278 1.44 -5.20 17.77
N LEU B 279 0.80 -5.10 16.61
CA LEU B 279 0.52 -6.31 15.86
C LEU B 279 1.87 -6.98 15.50
N PRO B 280 1.87 -8.30 15.31
CA PRO B 280 3.08 -9.03 14.93
C PRO B 280 3.58 -8.57 13.55
N ARG B 281 4.84 -8.89 13.23
CA ARG B 281 5.45 -8.42 11.99
C ARG B 281 4.64 -8.83 10.76
N ARG B 282 4.07 -10.03 10.79
CA ARG B 282 3.30 -10.54 9.65
C ARG B 282 2.18 -9.59 9.28
N GLN B 283 1.41 -9.16 10.28
CA GLN B 283 0.33 -8.20 10.05
C GLN B 283 0.90 -6.81 9.70
N HIS B 284 1.95 -6.38 10.41
CA HIS B 284 2.60 -5.12 10.08
C HIS B 284 2.87 -5.05 8.58
N GLN B 285 3.39 -6.14 8.02
CA GLN B 285 3.74 -6.19 6.60
C GLN B 285 2.52 -6.32 5.70
N MET B 286 1.71 -7.33 5.96
CA MET B 286 0.53 -7.62 5.14
C MET B 286 -0.39 -6.41 4.97
N HIS B 287 -0.62 -5.69 6.06
CA HIS B 287 -1.53 -4.57 6.02
C HIS B 287 -1.07 -3.45 5.08
N GLN B 288 0.24 -3.35 4.87
CA GLN B 288 0.79 -2.29 4.02
C GLN B 288 0.56 -2.55 2.54
N HIS B 289 0.37 -3.82 2.19
CA HIS B 289 0.27 -4.22 0.79
C HIS B 289 -1.17 -4.25 0.27
N GLN B 290 -2.04 -3.45 0.90
CA GLN B 290 -3.44 -3.41 0.50
C GLN B 290 -3.90 -1.99 0.31
N SER B 291 -4.77 -1.76 -0.66
CA SER B 291 -5.21 -0.41 -0.96
C SER B 291 -6.60 -0.43 -1.60
N LEU B 292 -7.41 0.58 -1.27
CA LEU B 292 -8.69 0.78 -1.95
C LEU B 292 -8.46 1.21 -3.39
N GLY B 293 -9.39 0.87 -4.26
CA GLY B 293 -9.39 1.43 -5.59
C GLY B 293 -9.93 2.85 -5.57
N LEU B 294 -10.23 3.39 -6.74
CA LEU B 294 -10.88 4.70 -6.82
C LEU B 294 -11.87 4.72 -7.96
N VAL B 295 -13.08 5.18 -7.67
CA VAL B 295 -14.07 5.37 -8.71
C VAL B 295 -14.99 6.49 -8.27
N ILE B 296 -15.40 7.33 -9.22
CA ILE B 296 -16.40 8.34 -8.95
C ILE B 296 -17.76 7.82 -9.40
N LYS B 297 -18.69 7.68 -8.44
CA LYS B 297 -20.05 7.34 -8.76
C LYS B 297 -20.81 8.64 -9.05
N VAL B 298 -21.18 8.82 -10.31
CA VAL B 298 -21.81 10.06 -10.76
C VAL B 298 -23.33 9.93 -10.72
N HIS B 299 -23.98 10.92 -10.10
CA HIS B 299 -25.45 10.94 -10.05
C HIS B 299 -25.97 12.15 -10.81
N ALA B 300 -26.92 11.90 -11.71
CA ALA B 300 -27.57 12.98 -12.44
C ALA B 300 -29.07 12.76 -12.44
N VAL B 301 -29.79 13.67 -11.79
CA VAL B 301 -31.25 13.58 -11.66
C VAL B 301 -31.91 14.54 -12.65
N TYR B 302 -32.89 14.04 -13.41
CA TYR B 302 -33.57 14.81 -14.43
C TYR B 302 -35.08 14.87 -14.17
N ASP B 303 -35.77 15.76 -14.86
CA ASP B 303 -37.22 15.90 -14.64
C ASP B 303 -37.97 14.62 -15.01
N THR B 304 -37.36 13.79 -15.85
CA THR B 304 -37.99 12.56 -16.32
C THR B 304 -36.90 11.63 -16.86
N PRO B 305 -37.18 10.32 -16.95
CA PRO B 305 -36.17 9.44 -17.53
C PRO B 305 -36.20 9.60 -19.04
N PHE B 306 -35.66 10.72 -19.52
CA PHE B 306 -35.80 11.10 -20.93
C PHE B 306 -35.32 10.03 -21.91
N TRP B 307 -34.29 9.28 -21.54
CA TRP B 307 -33.73 8.27 -22.43
C TRP B 307 -34.75 7.23 -22.86
N ARG B 308 -35.70 6.92 -21.97
CA ARG B 308 -36.72 5.92 -22.28
C ARG B 308 -37.61 6.36 -23.45
N GLU B 309 -37.80 7.67 -23.59
CA GLU B 309 -38.60 8.21 -24.68
C GLU B 309 -38.01 7.79 -26.02
N GLU B 310 -36.69 7.60 -26.06
CA GLU B 310 -36.01 7.27 -27.31
C GLU B 310 -35.77 5.78 -27.47
N GLY B 311 -36.44 4.98 -26.65
CA GLY B 311 -36.30 3.54 -26.70
C GLY B 311 -34.96 3.04 -26.17
N LEU B 312 -34.38 3.79 -25.23
CA LEU B 312 -33.09 3.42 -24.66
C LEU B 312 -33.24 2.87 -23.24
N SER B 313 -32.37 1.93 -22.89
CA SER B 313 -32.40 1.34 -21.55
C SER B 313 -31.69 2.22 -20.53
N GLY B 314 -30.87 3.16 -21.02
CA GLY B 314 -30.05 3.98 -20.14
C GLY B 314 -28.66 3.40 -19.96
N THR B 315 -28.50 2.16 -20.41
CA THR B 315 -27.22 1.48 -20.31
C THR B 315 -26.26 1.93 -21.41
N GLY B 316 -25.05 2.30 -21.02
CA GLY B 316 -24.02 2.68 -21.98
C GLY B 316 -22.67 2.10 -21.58
N PHE B 317 -21.87 1.77 -22.58
CA PHE B 317 -20.54 1.21 -22.34
C PHE B 317 -19.54 1.70 -23.38
N SER B 318 -18.35 2.08 -22.90
CA SER B 318 -17.27 2.47 -23.80
C SER B 318 -15.92 2.51 -23.09
N ALA B 319 -15.02 1.61 -23.48
CA ALA B 319 -13.66 1.60 -22.92
C ALA B 319 -12.96 2.94 -23.13
N GLY B 320 -13.28 3.62 -24.22
CA GLY B 320 -12.59 4.85 -24.57
C GLY B 320 -13.17 6.12 -23.98
N ALA B 321 -14.30 6.02 -23.30
CA ALA B 321 -14.95 7.20 -22.72
C ALA B 321 -14.39 7.58 -21.36
N LEU B 322 -14.62 8.84 -20.97
CA LEU B 322 -14.30 9.30 -19.62
C LEU B 322 -15.18 8.55 -18.63
N VAL B 323 -16.49 8.61 -18.86
CA VAL B 323 -17.46 7.80 -18.14
C VAL B 323 -17.61 6.48 -18.89
N GLN B 324 -17.00 5.42 -18.37
CA GLN B 324 -16.91 4.15 -19.09
C GLN B 324 -18.23 3.37 -19.09
N GLU B 325 -19.05 3.61 -18.08
CA GLU B 325 -20.34 2.94 -17.93
C GLU B 325 -21.38 3.92 -17.46
N VAL B 326 -22.57 3.80 -18.01
CA VAL B 326 -23.72 4.57 -17.51
C VAL B 326 -24.93 3.62 -17.44
N TYR B 327 -25.83 3.87 -16.50
CA TYR B 327 -27.01 3.04 -16.35
C TYR B 327 -28.20 3.84 -15.85
N ASP B 328 -29.40 3.33 -16.10
CA ASP B 328 -30.61 3.88 -15.50
C ASP B 328 -30.55 3.57 -14.00
N ASN B 329 -30.57 4.61 -13.17
CA ASN B 329 -30.57 4.41 -11.72
C ASN B 329 -31.77 5.10 -11.07
N THR B 330 -32.88 5.12 -11.82
CA THR B 330 -34.12 5.72 -11.33
C THR B 330 -34.62 4.98 -10.11
N ASN B 331 -34.86 5.74 -9.03
CA ASN B 331 -35.32 5.15 -7.79
C ASN B 331 -36.70 4.54 -7.95
N HIS B 332 -36.97 3.46 -7.22
CA HIS B 332 -38.26 2.79 -7.31
C HIS B 332 -39.41 3.79 -7.21
N GLY B 333 -40.28 3.79 -8.21
CA GLY B 333 -41.47 4.63 -8.20
C GLY B 333 -41.30 6.11 -8.48
N ASP B 334 -40.08 6.53 -8.80
CA ASP B 334 -39.80 7.96 -8.99
C ASP B 334 -40.11 8.42 -10.42
N SER B 335 -40.91 9.48 -10.55
CA SER B 335 -41.22 10.06 -11.85
C SER B 335 -40.04 10.84 -12.43
N ARG B 336 -39.09 11.21 -11.57
CA ARG B 336 -37.83 11.79 -12.01
C ARG B 336 -36.84 10.71 -12.38
N GLY B 337 -36.16 10.88 -13.51
CA GLY B 337 -35.17 9.89 -13.93
C GLY B 337 -33.82 10.18 -13.31
N THR B 338 -33.12 9.13 -12.89
CA THR B 338 -31.77 9.30 -12.37
C THR B 338 -30.80 8.38 -13.08
N LEU B 339 -29.70 8.95 -13.56
CA LEU B 339 -28.63 8.17 -14.16
C LEU B 339 -27.53 7.93 -13.14
N VAL B 340 -26.82 6.81 -13.29
CA VAL B 340 -25.59 6.61 -12.55
C VAL B 340 -24.46 6.45 -13.57
N GLY B 341 -23.33 7.08 -13.31
CA GLY B 341 -22.17 6.93 -14.16
C GLY B 341 -20.95 6.63 -13.32
N PHE B 342 -19.95 5.98 -13.94
CA PHE B 342 -18.74 5.63 -13.22
C PHE B 342 -17.49 6.08 -13.97
N VAL B 343 -16.60 6.76 -13.25
CA VAL B 343 -15.30 7.16 -13.76
C VAL B 343 -14.26 6.49 -12.86
N SER B 344 -13.45 5.61 -13.44
CA SER B 344 -12.63 4.72 -12.64
C SER B 344 -11.13 5.00 -12.63
N ASP B 345 -10.50 4.68 -11.52
CA ASP B 345 -9.06 4.73 -11.34
C ASP B 345 -8.35 5.94 -11.96
N GLU B 346 -7.48 5.70 -12.93
CA GLU B 346 -6.65 6.77 -13.48
C GLU B 346 -7.42 7.88 -14.18
N LYS B 347 -8.60 7.56 -14.72
CA LYS B 347 -9.48 8.57 -15.29
C LYS B 347 -10.12 9.39 -14.18
N ALA B 348 -10.35 8.77 -13.03
CA ALA B 348 -10.83 9.52 -11.87
C ALA B 348 -9.78 10.51 -11.40
N ASP B 349 -8.54 10.02 -11.24
CA ASP B 349 -7.40 10.88 -10.92
C ASP B 349 -7.41 12.09 -11.83
N ALA B 350 -7.54 11.84 -13.13
CA ALA B 350 -7.43 12.89 -14.13
C ALA B 350 -8.48 13.99 -13.97
N VAL B 351 -9.76 13.62 -13.83
CA VAL B 351 -10.80 14.64 -13.71
C VAL B 351 -10.75 15.34 -12.37
N PHE B 352 -10.21 14.67 -11.35
CA PHE B 352 -10.09 15.28 -10.05
C PHE B 352 -9.09 16.43 -10.06
N GLU B 353 -8.28 16.49 -11.11
CA GLU B 353 -7.31 17.57 -11.25
C GLU B 353 -8.02 18.84 -11.71
N LEU B 354 -9.21 18.69 -12.28
CA LEU B 354 -10.00 19.83 -12.73
C LEU B 354 -10.76 20.48 -11.57
N SER B 355 -11.27 21.68 -11.80
CA SER B 355 -12.22 22.29 -10.85
C SER B 355 -13.49 21.45 -10.83
N ALA B 356 -14.27 21.58 -9.77
CA ALA B 356 -15.53 20.86 -9.68
C ALA B 356 -16.41 21.18 -10.89
N GLU B 357 -16.48 22.47 -11.22
CA GLU B 357 -17.27 22.93 -12.34
C GLU B 357 -16.81 22.31 -13.65
N ASP B 358 -15.50 22.27 -13.85
CA ASP B 358 -14.95 21.70 -15.08
C ASP B 358 -15.17 20.21 -15.17
N ARG B 359 -14.95 19.51 -14.06
CA ARG B 359 -15.14 18.07 -14.01
C ARG B 359 -16.61 17.71 -14.31
N LYS B 360 -17.53 18.46 -13.72
CA LYS B 360 -18.95 18.24 -13.96
C LYS B 360 -19.26 18.30 -15.45
N LYS B 361 -18.80 19.36 -16.10
CA LYS B 361 -19.01 19.55 -17.52
C LYS B 361 -18.45 18.40 -18.35
N ALA B 362 -17.21 18.01 -18.07
CA ALA B 362 -16.57 16.95 -18.83
C ALA B 362 -17.32 15.65 -18.65
N ILE B 363 -17.76 15.40 -17.42
CA ILE B 363 -18.46 14.16 -17.12
C ILE B 363 -19.84 14.11 -17.82
N LEU B 364 -20.58 15.22 -17.73
CA LEU B 364 -21.90 15.25 -18.37
C LEU B 364 -21.79 15.14 -19.88
N GLU B 365 -20.78 15.77 -20.46
CA GLU B 365 -20.53 15.66 -21.90
C GLU B 365 -20.26 14.21 -22.29
N SER B 366 -19.49 13.51 -21.47
CA SER B 366 -19.25 12.09 -21.71
C SER B 366 -20.55 11.30 -21.66
N ILE B 367 -21.40 11.60 -20.68
CA ILE B 367 -22.69 10.93 -20.56
C ILE B 367 -23.59 11.27 -21.75
N ALA B 368 -23.57 12.53 -22.19
CA ALA B 368 -24.29 12.94 -23.39
C ALA B 368 -23.87 12.13 -24.62
N GLY B 369 -22.62 11.69 -24.64
CA GLY B 369 -22.12 10.87 -25.72
C GLY B 369 -22.93 9.59 -25.88
N PHE B 370 -23.40 9.07 -24.76
CA PHE B 370 -24.25 7.88 -24.76
C PHE B 370 -25.73 8.18 -24.99
N LEU B 371 -26.26 9.15 -24.25
CA LEU B 371 -27.70 9.32 -24.13
C LEU B 371 -28.26 10.65 -24.67
N GLY B 372 -27.39 11.47 -25.25
CA GLY B 372 -27.84 12.68 -25.92
C GLY B 372 -27.76 13.92 -25.06
N ASP B 373 -27.98 15.08 -25.69
CA ASP B 373 -27.70 16.36 -25.07
C ASP B 373 -28.62 16.73 -23.91
N LYS B 374 -29.72 16.00 -23.75
CA LYS B 374 -30.58 16.21 -22.59
C LYS B 374 -29.85 15.89 -21.28
N ALA B 375 -28.82 15.05 -21.36
CA ALA B 375 -28.02 14.70 -20.19
C ALA B 375 -27.26 15.90 -19.65
N LEU B 376 -27.01 16.87 -20.52
CA LEU B 376 -26.20 18.04 -20.16
C LEU B 376 -26.80 18.88 -19.05
N THR B 377 -28.12 18.81 -18.85
CA THR B 377 -28.79 19.72 -17.94
C THR B 377 -29.64 19.04 -16.85
N PRO B 378 -28.99 18.34 -15.91
CA PRO B 378 -29.74 17.69 -14.83
C PRO B 378 -30.31 18.71 -13.85
N GLU B 379 -31.35 18.33 -13.13
CA GLU B 379 -31.85 19.14 -12.01
C GLU B 379 -30.90 19.05 -10.83
N VAL B 380 -30.32 17.88 -10.63
CA VAL B 380 -29.37 17.68 -9.54
C VAL B 380 -28.18 16.86 -10.03
N TYR B 381 -26.97 17.36 -9.75
CA TYR B 381 -25.74 16.64 -10.07
C TYR B 381 -24.91 16.43 -8.79
N TYR B 382 -24.44 15.21 -8.58
CA TYR B 382 -23.67 14.89 -7.38
C TYR B 382 -22.65 13.80 -7.67
N GLU B 383 -21.46 13.97 -7.11
CA GLU B 383 -20.41 12.97 -7.22
C GLU B 383 -20.16 12.33 -5.86
N SER B 384 -20.31 11.01 -5.76
CA SER B 384 -19.93 10.33 -4.53
C SER B 384 -18.41 10.50 -4.39
N ASP B 385 -17.97 10.93 -3.22
CA ASP B 385 -16.54 11.25 -3.02
C ASP B 385 -15.96 10.50 -1.83
N TRP B 386 -15.82 9.19 -1.97
CA TRP B 386 -15.34 8.33 -0.89
C TRP B 386 -13.84 8.50 -0.57
N GLY B 387 -13.08 8.96 -1.54
CA GLY B 387 -11.66 9.21 -1.33
C GLY B 387 -11.42 10.28 -0.28
N SER B 388 -12.31 11.26 -0.22
CA SER B 388 -12.16 12.34 0.76
C SER B 388 -12.56 11.92 2.17
N GLU B 389 -13.29 10.81 2.28
CA GLU B 389 -13.79 10.32 3.56
C GLU B 389 -12.68 9.60 4.31
N GLU B 390 -12.27 10.13 5.47
CA GLU B 390 -11.13 9.57 6.18
C GLU B 390 -11.47 8.18 6.72
N TRP B 391 -12.76 7.88 6.84
CA TRP B 391 -13.15 6.58 7.36
C TRP B 391 -13.51 5.60 6.25
N THR B 392 -13.22 5.98 5.02
CA THR B 392 -13.19 5.04 3.89
C THR B 392 -11.89 5.21 3.10
N ARG B 393 -11.80 6.29 2.32
CA ARG B 393 -10.57 6.69 1.60
C ARG B 393 -10.43 6.12 0.17
N GLY B 394 -11.53 5.63 -0.39
CA GLY B 394 -11.50 5.07 -1.73
C GLY B 394 -12.80 4.32 -2.00
N ALA B 395 -12.92 3.74 -3.19
CA ALA B 395 -14.10 2.95 -3.55
C ALA B 395 -13.76 2.12 -4.78
N TYR B 396 -14.37 0.93 -4.93
CA TYR B 396 -15.36 0.39 -3.98
C TYR B 396 -14.72 -0.28 -2.78
N ALA B 397 -13.57 -0.91 -3.00
CA ALA B 397 -13.06 -1.82 -1.99
C ALA B 397 -11.56 -2.05 -2.15
N SER B 398 -11.01 -2.84 -1.24
CA SER B 398 -9.58 -3.02 -1.12
C SER B 398 -9.12 -4.29 -1.78
N SER B 399 -7.92 -4.25 -2.35
CA SER B 399 -7.27 -5.44 -2.90
C SER B 399 -5.76 -5.30 -2.73
N TYR B 400 -5.04 -6.41 -2.79
CA TYR B 400 -3.59 -6.38 -2.67
C TYR B 400 -2.94 -5.63 -3.82
N ASP B 401 -1.74 -5.13 -3.59
CA ASP B 401 -0.88 -4.69 -4.68
C ASP B 401 -0.52 -5.91 -5.55
N LEU B 402 0.10 -5.68 -6.70
CA LEU B 402 0.39 -6.79 -7.59
C LEU B 402 1.41 -7.74 -6.97
N GLY B 403 0.99 -8.99 -6.78
CA GLY B 403 1.82 -9.99 -6.14
C GLY B 403 1.42 -10.27 -4.69
N GLY B 404 0.64 -9.37 -4.11
CA GLY B 404 0.23 -9.50 -2.72
C GLY B 404 -0.72 -10.63 -2.39
N LEU B 405 -1.64 -10.94 -3.31
CA LEU B 405 -2.70 -11.90 -3.01
C LEU B 405 -2.14 -13.28 -2.66
N HIS B 406 -1.24 -13.81 -3.49
CA HIS B 406 -0.74 -15.15 -3.27
C HIS B 406 0.33 -15.17 -2.16
N ARG B 407 0.88 -13.99 -1.87
CA ARG B 407 1.87 -13.88 -0.81
C ARG B 407 1.23 -13.81 0.58
N TYR B 408 0.16 -13.03 0.73
CA TYR B 408 -0.43 -12.77 2.04
C TYR B 408 -1.80 -13.41 2.29
N GLY B 409 -2.49 -13.81 1.22
CA GLY B 409 -3.86 -14.27 1.32
C GLY B 409 -4.12 -15.29 2.42
N LYS B 410 -3.21 -16.25 2.57
CA LYS B 410 -3.36 -17.32 3.54
C LYS B 410 -3.44 -16.84 5.00
N ASP B 411 -3.09 -15.57 5.23
CA ASP B 411 -3.14 -15.04 6.59
C ASP B 411 -4.15 -13.91 6.77
N GLN B 412 -4.92 -13.61 5.74
CA GLN B 412 -5.84 -12.47 5.81
C GLN B 412 -6.97 -12.66 6.83
N HIS B 413 -7.24 -13.92 7.18
CA HIS B 413 -8.30 -14.25 8.13
C HIS B 413 -7.78 -14.54 9.54
N ALA B 414 -6.47 -14.63 9.70
CA ALA B 414 -5.88 -15.04 10.98
C ALA B 414 -6.17 -14.05 12.10
N ASN B 415 -6.77 -14.55 13.18
CA ASN B 415 -6.94 -13.73 14.36
C ASN B 415 -5.57 -13.51 15.02
N VAL B 416 -5.43 -12.38 15.69
CA VAL B 416 -4.26 -12.11 16.51
C VAL B 416 -4.76 -12.15 17.94
N GLY B 417 -4.57 -13.30 18.60
CA GLY B 417 -5.19 -13.53 19.89
C GLY B 417 -6.69 -13.26 19.84
N PRO B 418 -7.15 -12.26 20.58
CA PRO B 418 -8.57 -11.91 20.70
C PRO B 418 -9.07 -11.04 19.55
N ILE B 419 -8.17 -10.67 18.63
CA ILE B 419 -8.48 -9.72 17.57
C ILE B 419 -8.80 -10.42 16.26
N TYR B 420 -10.01 -10.17 15.76
CA TYR B 420 -10.47 -10.72 14.48
C TYR B 420 -10.67 -9.60 13.44
N TRP B 421 -10.72 -9.98 12.16
CA TRP B 421 -10.82 -9.01 11.06
C TRP B 421 -12.00 -9.37 10.18
N SER B 422 -12.83 -8.39 9.85
CA SER B 422 -14.04 -8.68 9.07
C SER B 422 -14.55 -7.50 8.22
N SER B 423 -14.55 -7.69 6.90
CA SER B 423 -15.14 -6.70 5.99
C SER B 423 -15.40 -7.39 4.66
N SER B 424 -16.16 -6.74 3.80
CA SER B 424 -16.44 -7.29 2.48
C SER B 424 -15.15 -7.57 1.72
N ASP B 425 -14.09 -6.84 2.05
CA ASP B 425 -12.81 -6.96 1.35
C ASP B 425 -12.14 -8.30 1.59
N LEU B 426 -12.57 -9.00 2.63
CA LEU B 426 -11.95 -10.28 3.00
C LEU B 426 -12.79 -11.47 2.54
N ALA B 427 -13.98 -11.20 2.02
CA ALA B 427 -14.94 -12.24 1.71
C ALA B 427 -14.52 -13.13 0.54
N ALA B 428 -15.12 -14.31 0.46
CA ALA B 428 -15.00 -15.18 -0.69
C ALA B 428 -16.14 -14.84 -1.65
N GLU B 429 -17.23 -15.62 -1.59
CA GLU B 429 -18.47 -15.23 -2.25
C GLU B 429 -18.87 -13.83 -1.79
N GLY B 430 -19.24 -12.97 -2.74
CA GLY B 430 -19.67 -11.62 -2.41
C GLY B 430 -18.53 -10.64 -2.12
N TYR B 431 -17.31 -11.11 -2.37
CA TYR B 431 -16.09 -10.31 -2.25
C TYR B 431 -16.32 -8.86 -2.66
N GLN B 432 -15.95 -7.93 -1.77
CA GLN B 432 -15.99 -6.50 -2.04
C GLN B 432 -17.39 -5.90 -2.04
N HIS B 433 -18.41 -6.75 -1.88
CA HIS B 433 -19.80 -6.29 -1.90
C HIS B 433 -20.52 -6.50 -0.57
N VAL B 434 -21.69 -5.89 -0.42
CA VAL B 434 -22.45 -5.98 0.82
C VAL B 434 -22.70 -7.43 1.22
N ASP B 435 -23.06 -8.25 0.24
CA ASP B 435 -23.24 -9.67 0.47
C ASP B 435 -21.98 -10.27 1.13
N GLY B 436 -20.80 -9.87 0.65
CA GLY B 436 -19.57 -10.31 1.27
C GLY B 436 -19.42 -9.83 2.69
N ALA B 437 -19.78 -8.57 2.92
CA ALA B 437 -19.71 -7.98 4.26
C ALA B 437 -20.56 -8.77 5.24
N VAL B 438 -21.75 -9.18 4.77
CA VAL B 438 -22.68 -9.92 5.59
C VAL B 438 -22.18 -11.34 5.85
N ARG B 439 -21.69 -11.99 4.81
CA ARG B 439 -21.12 -13.32 4.95
C ARG B 439 -19.97 -13.31 5.94
N MET B 440 -19.08 -12.33 5.79
CA MET B 440 -17.93 -12.21 6.69
C MET B 440 -18.38 -11.93 8.14
N GLY B 441 -19.36 -11.05 8.30
CA GLY B 441 -19.90 -10.75 9.61
C GLY B 441 -20.40 -12.01 10.29
N GLN B 442 -21.11 -12.83 9.52
CA GLN B 442 -21.63 -14.09 10.03
C GLN B 442 -20.50 -15.07 10.35
N ALA B 443 -19.57 -15.23 9.42
CA ALA B 443 -18.45 -16.16 9.61
C ALA B 443 -17.62 -15.78 10.84
N THR B 444 -17.38 -14.49 11.02
CA THR B 444 -16.54 -14.02 12.10
C THR B 444 -17.23 -14.21 13.46
N ALA B 445 -18.52 -13.91 13.52
CA ALA B 445 -19.29 -14.16 14.75
C ALA B 445 -19.21 -15.63 15.14
N ALA B 446 -19.38 -16.52 14.16
CA ALA B 446 -19.34 -17.95 14.43
C ALA B 446 -18.00 -18.40 15.00
N ARG B 447 -16.91 -17.88 14.45
CA ARG B 447 -15.58 -18.22 14.94
C ARG B 447 -15.41 -17.82 16.41
N ILE B 448 -15.91 -16.64 16.75
CA ILE B 448 -15.78 -16.13 18.10
C ILE B 448 -16.66 -16.92 19.07
N VAL B 449 -17.86 -17.28 18.63
CA VAL B 449 -18.74 -18.12 19.43
C VAL B 449 -18.03 -19.42 19.77
N GLU B 450 -17.44 -20.04 18.76
CA GLU B 450 -16.72 -21.29 18.95
C GLU B 450 -15.53 -21.11 19.88
N ALA B 451 -14.76 -20.04 19.66
CA ALA B 451 -13.58 -19.77 20.49
C ALA B 451 -14.01 -19.53 21.92
N ASN B 452 -15.11 -18.82 22.10
CA ASN B 452 -15.62 -18.46 23.41
C ASN B 452 -16.05 -19.69 24.22
N LYS B 453 -16.63 -20.67 23.54
CA LYS B 453 -17.07 -21.88 24.23
C LYS B 453 -15.88 -22.79 24.58
N LEU B 454 -14.83 -22.71 23.76
CA LEU B 454 -13.59 -23.43 24.04
C LEU B 454 -12.84 -22.78 25.18
PA FDA C . 13.49 6.99 9.88
O1A FDA C . 12.51 5.67 9.84
O2A FDA C . 14.88 6.61 10.12
O5B FDA C . 13.03 8.03 11.09
C5B FDA C . 11.64 8.23 11.28
C4B FDA C . 11.31 8.44 12.77
O4B FDA C . 9.98 8.88 13.13
C3B FDA C . 11.65 7.26 13.80
O3B FDA C . 12.66 7.52 14.74
C2B FDA C . 10.26 6.83 14.32
O2B FDA C . 10.22 6.16 15.55
C1B FDA C . 9.56 8.13 14.23
N9A FDA C . 8.10 8.06 14.09
C8A FDA C . 7.34 7.42 13.16
N7A FDA C . 5.99 7.80 13.41
C5A FDA C . 5.98 8.70 14.52
C6A FDA C . 4.94 9.39 15.21
N6A FDA C . 3.57 9.25 14.77
N1A FDA C . 5.24 10.20 16.24
C2A FDA C . 6.53 10.37 16.65
N3A FDA C . 7.56 9.70 15.99
C4A FDA C . 7.25 8.88 14.94
N1 FDA C . 20.79 3.43 4.69
C2 FDA C . 22.12 3.75 4.33
O2 FDA C . 22.43 5.04 3.90
N3 FDA C . 23.11 2.79 4.40
C4 FDA C . 22.79 1.50 4.81
O4 FDA C . 23.79 0.54 4.89
C4X FDA C . 21.41 1.15 5.16
N5 FDA C . 21.13 -0.15 5.56
C5X FDA C . 19.97 -0.41 6.35
C6 FDA C . 19.75 -1.67 7.15
C7 FDA C . 18.29 -2.02 7.62
C7M FDA C . 18.22 -3.12 8.67
C8 FDA C . 17.24 -0.82 7.75
C8M FDA C . 16.47 -0.76 9.08
C9 FDA C . 17.70 0.60 7.25
C9A FDA C . 18.97 0.71 6.41
N10 FDA C . 19.16 1.76 5.44
C10 FDA C . 20.47 2.09 5.09
C1' FDA C . 18.10 2.79 5.27
C2' FDA C . 18.10 3.92 6.32
O2' FDA C . 18.62 3.78 7.38
C3' FDA C . 16.98 5.00 6.18
O3' FDA C . 16.81 5.41 4.85
C4' FDA C . 17.09 6.18 7.18
O4' FDA C . 17.33 5.83 8.52
C5' FDA C . 15.81 7.01 7.08
O5' FDA C . 15.87 8.23 7.76
P FDA C . 14.40 8.96 8.00
O1P FDA C . 14.63 10.11 9.14
O2P FDA C . 13.98 9.50 6.70
O3P FDA C . 13.32 7.80 8.45
C1 GOL D . -15.01 -2.17 -34.95
O1 GOL D . -14.47 -3.15 -35.81
C2 GOL D . -15.86 -2.67 -33.79
O2 GOL D . -15.64 -3.98 -33.33
C3 GOL D . -16.40 -1.81 -32.96
O3 GOL D . -15.60 -0.81 -32.39
PA FDA E . -17.60 -0.52 5.56
O1A FDA E . -16.48 0.51 4.94
O2A FDA E . -18.90 -0.36 4.91
O5B FDA E . -17.82 -0.28 7.19
C5B FDA E . -16.67 -0.04 7.99
C4B FDA E . -16.99 0.97 9.10
O4B FDA E . -16.00 1.18 10.14
C3B FDA E . -17.46 2.43 8.67
O3B FDA E . -18.80 2.77 8.96
C2B FDA E . -16.35 3.34 9.22
O2B FDA E . -16.70 4.69 9.43
C1B FDA E . -15.94 2.55 10.42
N9A FDA E . -14.56 2.76 10.89
C8A FDA E . -13.40 2.69 10.19
N7A FDA E . -12.34 2.87 11.13
C5A FDA E . -12.92 3.04 12.42
C6A FDA E . -12.37 3.27 13.72
N6A FDA E . -10.93 3.34 13.92
N1A FDA E . -13.18 3.39 14.78
C2A FDA E . -14.54 3.31 14.65
N3A FDA E . -15.09 3.10 13.37
C4A FDA E . -14.26 2.96 12.30
N1 FDA E . -21.53 -3.29 -2.85
C2 FDA E . -22.69 -3.97 -3.30
O2 FDA E . -23.04 -5.20 -2.71
N3 FDA E . -23.45 -3.44 -4.31
C4 FDA E . -23.10 -2.23 -4.88
O4 FDA E . -23.90 -1.68 -5.88
C4X FDA E . -21.89 -1.51 -4.42
N5 FDA E . -21.56 -0.30 -5.01
C5X FDA E . -20.66 0.60 -4.38
C6 FDA E . -20.58 2.07 -4.70
C7 FDA E . -19.37 2.89 -4.13
C7M FDA E . -19.40 4.39 -4.40
C8 FDA E . -18.66 2.39 -2.79
C8M FDA E . -18.74 3.37 -1.60
C9 FDA E . -19.00 0.91 -2.33
C9A FDA E . -19.94 0.05 -3.18
N10 FDA E . -20.01 -1.36 -2.99
C10 FDA E . -21.16 -2.05 -3.45
C1' FDA E . -19.19 -1.99 -1.93
C2' FDA E . -19.78 -1.89 -0.49
O2' FDA E . -20.56 -1.07 -0.21
C3' FDA E . -18.94 -2.56 0.64
O3' FDA E . -18.43 -3.80 0.21
C4' FDA E . -19.64 -2.64 2.02
O4' FDA E . -20.26 -1.48 2.48
C5' FDA E . -18.63 -3.15 3.06
O5' FDA E . -19.14 -3.32 4.36
P FDA E . -18.01 -3.37 5.57
O1P FDA E . -18.85 -3.37 6.99
O2P FDA E . -17.22 -4.59 5.34
O3P FDA E . -17.01 -2.07 5.43
#